data_6YJL
#
_entry.id   6YJL
#
_entity_poly.entity_id   1
_entity_poly.type   'polypeptide(L)'
_entity_poly.pdbx_seq_one_letter_code
;GSGVINYSVLDLTAEELEAIKHQLNPKDNDVEL
;
_entity_poly.pdbx_strand_id   A
#
# COMPACT_ATOMS: atom_id res chain seq x y z
N GLY A 1 23.07 10.42 -3.19
CA GLY A 1 22.01 11.26 -3.71
C GLY A 1 20.95 10.46 -4.45
N SER A 2 20.51 9.36 -3.85
CA SER A 2 19.51 8.51 -4.46
C SER A 2 18.17 9.23 -4.56
N GLY A 3 17.46 9.01 -5.66
CA GLY A 3 16.17 9.65 -5.87
C GLY A 3 15.07 9.01 -5.04
N VAL A 4 13.96 9.72 -4.88
CA VAL A 4 12.83 9.22 -4.11
C VAL A 4 11.61 9.01 -5.00
N ILE A 5 10.91 7.91 -4.78
CA ILE A 5 9.72 7.59 -5.56
C ILE A 5 8.48 8.24 -4.94
N ASN A 6 7.57 8.69 -5.80
CA ASN A 6 6.34 9.33 -5.34
C ASN A 6 5.17 8.37 -5.43
N TYR A 7 4.70 7.90 -4.27
CA TYR A 7 3.58 6.97 -4.22
C TYR A 7 2.36 7.63 -3.59
N SER A 8 1.45 8.11 -4.43
CA SER A 8 0.24 8.76 -3.95
C SER A 8 -1.01 8.10 -4.55
N VAL A 9 -1.60 7.18 -3.79
CA VAL A 9 -2.79 6.48 -4.23
C VAL A 9 -3.94 6.65 -3.24
N LEU A 10 -5.13 6.90 -3.77
CA LEU A 10 -6.31 7.09 -2.94
C LEU A 10 -7.31 5.95 -3.13
N ASP A 11 -7.50 5.54 -4.38
CA ASP A 11 -8.42 4.46 -4.71
C ASP A 11 -7.80 3.10 -4.37
N LEU A 12 -7.61 2.85 -3.08
CA LEU A 12 -7.03 1.60 -2.63
C LEU A 12 -8.11 0.54 -2.43
N THR A 13 -7.74 -0.72 -2.64
CA THR A 13 -8.67 -1.84 -2.48
C THR A 13 -8.81 -2.25 -1.01
N ALA A 14 -9.95 -2.81 -0.66
CA ALA A 14 -10.20 -3.25 0.70
C ALA A 14 -9.22 -4.34 1.11
N GLU A 15 -9.03 -5.33 0.23
CA GLU A 15 -8.11 -6.43 0.50
C GLU A 15 -6.69 -5.93 0.65
N GLU A 16 -6.32 -4.92 -0.14
CA GLU A 16 -4.98 -4.35 -0.09
C GLU A 16 -4.79 -3.52 1.17
N LEU A 17 -5.79 -2.69 1.48
CA LEU A 17 -5.73 -1.84 2.66
C LEU A 17 -5.68 -2.67 3.93
N GLU A 18 -6.52 -3.70 3.99
CA GLU A 18 -6.57 -4.57 5.16
C GLU A 18 -5.24 -5.29 5.37
N ALA A 19 -4.60 -5.66 4.25
CA ALA A 19 -3.31 -6.34 4.31
C ALA A 19 -2.27 -5.49 5.02
N ILE A 20 -2.28 -4.19 4.74
CA ILE A 20 -1.32 -3.27 5.35
C ILE A 20 -1.61 -3.09 6.84
N LYS A 21 -2.89 -2.92 7.18
CA LYS A 21 -3.29 -2.75 8.56
C LYS A 21 -2.81 -3.91 9.43
N HIS A 22 -2.88 -5.11 8.87
CA HIS A 22 -2.45 -6.31 9.58
C HIS A 22 -0.93 -6.45 9.56
N GLN A 23 -0.32 -5.97 8.48
CA GLN A 23 1.14 -6.04 8.34
C GLN A 23 1.62 -7.48 8.41
N LEU A 24 0.84 -8.40 7.85
CA LEU A 24 1.19 -9.81 7.85
C LEU A 24 2.14 -10.14 6.70
N ASN A 25 3.22 -10.84 7.00
CA ASN A 25 4.20 -11.23 6.00
C ASN A 25 4.81 -9.98 5.33
N PRO A 26 5.60 -9.23 6.11
CA PRO A 26 6.26 -8.01 5.62
C PRO A 26 7.36 -8.32 4.60
N LYS A 27 7.99 -7.27 4.09
CA LYS A 27 9.06 -7.42 3.11
C LYS A 27 10.35 -6.78 3.61
N ASP A 28 10.20 -5.66 4.31
CA ASP A 28 11.36 -4.94 4.85
C ASP A 28 12.07 -5.77 5.92
N ASN A 29 13.25 -6.29 5.57
CA ASN A 29 14.02 -7.10 6.50
C ASN A 29 15.04 -6.24 7.26
N ASP A 30 15.48 -5.17 6.63
CA ASP A 30 16.46 -4.27 7.24
C ASP A 30 16.14 -2.82 6.90
N VAL A 31 16.61 -1.90 7.74
CA VAL A 31 16.38 -0.48 7.53
C VAL A 31 14.89 -0.18 7.31
N GLU A 32 14.15 -0.08 8.40
CA GLU A 32 12.72 0.21 8.33
C GLU A 32 12.41 1.58 8.90
N LEU A 33 11.43 2.25 8.30
CA LEU A 33 11.03 3.59 8.75
C LEU A 33 9.61 3.56 9.29
N GLY A 1 3.08 -14.26 -25.06
CA GLY A 1 3.17 -13.68 -23.72
C GLY A 1 3.14 -12.17 -23.75
N SER A 2 1.95 -11.60 -23.90
CA SER A 2 1.78 -10.16 -23.93
C SER A 2 1.00 -9.67 -22.72
N GLY A 3 1.70 -8.99 -21.81
CA GLY A 3 1.06 -8.48 -20.61
C GLY A 3 1.52 -9.19 -19.35
N VAL A 4 2.82 -9.14 -19.08
CA VAL A 4 3.38 -9.78 -17.91
C VAL A 4 3.83 -8.77 -16.87
N ILE A 5 3.59 -9.06 -15.60
CA ILE A 5 3.98 -8.16 -14.52
C ILE A 5 3.26 -6.82 -14.63
N ASN A 6 1.98 -6.81 -14.25
CA ASN A 6 1.17 -5.60 -14.31
C ASN A 6 0.64 -5.24 -12.93
N TYR A 7 1.54 -4.98 -12.00
CA TYR A 7 1.16 -4.62 -10.63
C TYR A 7 1.16 -3.11 -10.44
N SER A 8 0.65 -2.40 -11.45
CA SER A 8 0.58 -0.94 -11.40
C SER A 8 -0.85 -0.46 -11.17
N VAL A 9 -1.09 0.11 -9.99
CA VAL A 9 -2.42 0.60 -9.66
C VAL A 9 -2.38 1.42 -8.36
N LEU A 10 -3.00 2.59 -8.39
CA LEU A 10 -3.05 3.46 -7.23
C LEU A 10 -4.25 3.15 -6.35
N ASP A 11 -5.39 2.90 -6.99
CA ASP A 11 -6.61 2.59 -6.27
C ASP A 11 -6.60 1.14 -5.79
N LEU A 12 -5.73 0.85 -4.83
CA LEU A 12 -5.62 -0.50 -4.28
C LEU A 12 -6.96 -0.98 -3.75
N THR A 13 -7.24 -2.27 -3.98
CA THR A 13 -8.50 -2.86 -3.52
C THR A 13 -8.63 -2.77 -2.01
N ALA A 14 -9.87 -2.82 -1.52
CA ALA A 14 -10.13 -2.74 -0.09
C ALA A 14 -9.35 -3.81 0.67
N GLU A 15 -9.29 -5.01 0.10
CA GLU A 15 -8.59 -6.12 0.72
C GLU A 15 -7.11 -5.77 0.92
N GLU A 16 -6.52 -5.11 -0.06
CA GLU A 16 -5.11 -4.72 0.02
C GLU A 16 -4.86 -3.83 1.23
N LEU A 17 -5.81 -2.96 1.53
CA LEU A 17 -5.69 -2.05 2.67
C LEU A 17 -5.65 -2.83 3.98
N GLU A 18 -6.41 -3.92 4.06
CA GLU A 18 -6.45 -4.74 5.26
C GLU A 18 -5.08 -5.37 5.53
N ALA A 19 -4.40 -5.77 4.46
CA ALA A 19 -3.09 -6.40 4.57
C ALA A 19 -2.09 -5.44 5.22
N ILE A 20 -2.16 -4.17 4.84
CA ILE A 20 -1.26 -3.16 5.39
C ILE A 20 -1.57 -2.89 6.85
N LYS A 21 -2.85 -2.93 7.21
CA LYS A 21 -3.27 -2.70 8.59
C LYS A 21 -2.76 -3.80 9.50
N HIS A 22 -2.77 -5.04 9.02
CA HIS A 22 -2.31 -6.18 9.80
C HIS A 22 -0.79 -6.13 9.97
N GLN A 23 -0.10 -5.59 8.96
CA GLN A 23 1.36 -5.49 9.00
C GLN A 23 1.99 -6.86 9.23
N LEU A 24 1.49 -7.86 8.52
CA LEU A 24 2.00 -9.22 8.64
C LEU A 24 3.08 -9.50 7.59
N ASN A 25 4.33 -9.20 7.94
CA ASN A 25 5.44 -9.41 7.03
C ASN A 25 5.18 -8.73 5.68
N PRO A 26 5.25 -7.40 5.67
CA PRO A 26 5.02 -6.60 4.46
C PRO A 26 6.15 -6.77 3.45
N LYS A 27 5.98 -6.17 2.27
CA LYS A 27 6.98 -6.24 1.21
C LYS A 27 8.08 -5.21 1.43
N ASP A 28 9.01 -5.14 0.50
CA ASP A 28 10.12 -4.19 0.58
C ASP A 28 9.85 -2.97 -0.29
N ASN A 29 10.64 -1.91 -0.08
CA ASN A 29 10.48 -0.68 -0.85
C ASN A 29 11.13 -0.81 -2.22
N ASP A 30 12.16 -1.63 -2.32
CA ASP A 30 12.86 -1.85 -3.57
C ASP A 30 11.94 -2.48 -4.60
N VAL A 31 12.43 -2.60 -5.84
CA VAL A 31 11.66 -3.20 -6.92
C VAL A 31 12.23 -4.54 -7.35
N GLU A 32 11.37 -5.52 -7.50
CA GLU A 32 11.79 -6.85 -7.92
C GLU A 32 12.88 -7.39 -6.98
N LEU A 33 12.65 -7.24 -5.68
CA LEU A 33 13.62 -7.71 -4.68
C LEU A 33 13.52 -9.21 -4.50
N GLY A 1 8.92 -6.99 -11.01
CA GLY A 1 7.56 -6.93 -11.53
C GLY A 1 7.40 -5.86 -12.59
N SER A 2 8.29 -5.89 -13.59
CA SER A 2 8.23 -4.90 -14.67
C SER A 2 7.40 -5.41 -15.83
N GLY A 3 6.08 -5.22 -15.75
CA GLY A 3 5.20 -5.66 -16.80
C GLY A 3 4.77 -4.53 -17.72
N VAL A 4 3.82 -4.82 -18.61
CA VAL A 4 3.33 -3.82 -19.55
C VAL A 4 2.18 -3.02 -18.95
N ILE A 5 2.51 -2.01 -18.16
CA ILE A 5 1.51 -1.16 -17.53
C ILE A 5 1.94 0.30 -17.53
N ASN A 6 0.99 1.19 -17.82
CA ASN A 6 1.27 2.61 -17.85
C ASN A 6 0.30 3.38 -16.96
N TYR A 7 -0.05 2.77 -15.83
CA TYR A 7 -0.97 3.40 -14.89
C TYR A 7 -0.29 3.69 -13.56
N SER A 8 -0.23 4.97 -13.20
CA SER A 8 0.41 5.39 -11.96
C SER A 8 -0.62 5.95 -10.97
N VAL A 9 -1.47 5.06 -10.46
CA VAL A 9 -2.51 5.47 -9.51
C VAL A 9 -2.24 4.87 -8.13
N LEU A 10 -2.44 5.67 -7.10
CA LEU A 10 -2.22 5.22 -5.72
C LEU A 10 -3.55 5.02 -5.00
N ASP A 11 -4.37 4.12 -5.52
CA ASP A 11 -5.67 3.83 -4.93
C ASP A 11 -5.84 2.33 -4.70
N LEU A 12 -5.13 1.81 -3.69
CA LEU A 12 -5.20 0.39 -3.37
C LEU A 12 -6.64 -0.02 -3.06
N THR A 13 -6.92 -1.32 -3.21
CA THR A 13 -8.25 -1.85 -2.95
C THR A 13 -8.44 -2.13 -1.46
N ALA A 14 -9.69 -2.38 -1.07
CA ALA A 14 -10.01 -2.67 0.32
C ALA A 14 -9.25 -3.88 0.82
N GLU A 15 -9.09 -4.88 -0.05
CA GLU A 15 -8.37 -6.10 0.30
C GLU A 15 -6.92 -5.80 0.64
N GLU A 16 -6.34 -4.86 -0.09
CA GLU A 16 -4.93 -4.47 0.13
C GLU A 16 -4.79 -3.68 1.42
N LEU A 17 -5.77 -2.82 1.70
CA LEU A 17 -5.76 -2.00 2.91
C LEU A 17 -5.68 -2.87 4.15
N GLU A 18 -6.42 -3.97 4.15
CA GLU A 18 -6.44 -4.89 5.28
C GLU A 18 -5.05 -5.49 5.52
N ALA A 19 -4.40 -5.90 4.43
CA ALA A 19 -3.09 -6.50 4.51
C ALA A 19 -2.08 -5.52 5.13
N ILE A 20 -2.14 -4.28 4.70
CA ILE A 20 -1.24 -3.25 5.21
C ILE A 20 -1.58 -2.88 6.64
N LYS A 21 -2.88 -2.81 6.94
CA LYS A 21 -3.34 -2.46 8.28
C LYS A 21 -2.98 -3.55 9.28
N HIS A 22 -3.03 -4.80 8.82
CA HIS A 22 -2.69 -5.94 9.68
C HIS A 22 -1.19 -6.00 9.95
N GLN A 23 -0.41 -5.56 8.96
CA GLN A 23 1.04 -5.57 9.10
C GLN A 23 1.56 -6.99 9.34
N LEU A 24 1.14 -7.92 8.50
CA LEU A 24 1.55 -9.31 8.62
C LEU A 24 2.26 -9.79 7.36
N ASN A 25 1.69 -9.44 6.21
CA ASN A 25 2.26 -9.83 4.93
C ASN A 25 1.85 -8.85 3.83
N PRO A 26 2.41 -7.63 3.88
CA PRO A 26 2.12 -6.58 2.90
C PRO A 26 2.69 -6.91 1.52
N LYS A 27 2.48 -6.00 0.57
CA LYS A 27 2.98 -6.18 -0.79
C LYS A 27 4.27 -5.42 -1.00
N ASP A 28 5.39 -6.14 -0.96
CA ASP A 28 6.70 -5.53 -1.15
C ASP A 28 7.15 -5.64 -2.60
N ASN A 29 6.82 -4.64 -3.41
CA ASN A 29 7.19 -4.64 -4.82
C ASN A 29 8.62 -4.14 -5.00
N ASP A 30 9.07 -3.27 -4.10
CA ASP A 30 10.41 -2.72 -4.16
C ASP A 30 10.65 -2.01 -5.50
N VAL A 31 9.62 -1.33 -5.98
CA VAL A 31 9.72 -0.61 -7.25
C VAL A 31 10.86 0.40 -7.22
N GLU A 32 11.65 0.41 -8.28
CA GLU A 32 12.78 1.34 -8.38
C GLU A 32 12.40 2.57 -9.20
N LEU A 33 12.72 3.75 -8.67
CA LEU A 33 12.41 5.00 -9.35
C LEU A 33 10.93 5.07 -9.73
N GLY A 1 0.43 0.18 -24.99
CA GLY A 1 -0.20 1.19 -24.18
C GLY A 1 -1.44 0.67 -23.47
N SER A 2 -1.98 1.48 -22.55
CA SER A 2 -3.16 1.09 -21.80
C SER A 2 -4.23 2.18 -21.86
N GLY A 3 -3.88 3.36 -21.34
CA GLY A 3 -4.82 4.47 -21.34
C GLY A 3 -4.14 5.80 -21.05
N VAL A 4 -4.72 6.88 -21.54
CA VAL A 4 -4.17 8.21 -21.32
C VAL A 4 -5.20 9.14 -20.70
N ILE A 5 -6.01 8.59 -19.79
CA ILE A 5 -7.04 9.38 -19.12
C ILE A 5 -6.99 9.16 -17.60
N ASN A 6 -7.32 10.21 -16.86
CA ASN A 6 -7.31 10.15 -15.41
C ASN A 6 -8.69 9.80 -14.86
N TYR A 7 -9.03 8.52 -14.91
CA TYR A 7 -10.33 8.05 -14.43
C TYR A 7 -10.25 7.65 -12.96
N SER A 8 -9.30 6.79 -12.64
CA SER A 8 -9.12 6.32 -11.27
C SER A 8 -7.71 5.78 -11.06
N VAL A 9 -6.96 6.42 -10.16
CA VAL A 9 -5.60 6.01 -9.86
C VAL A 9 -5.39 5.83 -8.36
N LEU A 10 -4.55 4.87 -7.99
CA LEU A 10 -4.27 4.61 -6.59
C LEU A 10 -5.54 4.28 -5.82
N ASP A 11 -6.38 3.44 -6.41
CA ASP A 11 -7.65 3.05 -5.79
C ASP A 11 -7.55 1.62 -5.25
N LEU A 12 -6.78 1.45 -4.17
CA LEU A 12 -6.61 0.13 -3.56
C LEU A 12 -7.93 -0.37 -2.98
N THR A 13 -8.14 -1.68 -3.06
CA THR A 13 -9.36 -2.29 -2.54
C THR A 13 -9.28 -2.50 -1.03
N ALA A 14 -10.39 -2.92 -0.44
CA ALA A 14 -10.44 -3.16 0.99
C ALA A 14 -9.42 -4.20 1.41
N GLU A 15 -9.22 -5.20 0.56
CA GLU A 15 -8.26 -6.26 0.85
C GLU A 15 -6.83 -5.73 0.86
N GLU A 16 -6.54 -4.81 -0.06
CA GLU A 16 -5.21 -4.22 -0.15
C GLU A 16 -4.88 -3.45 1.12
N LEU A 17 -5.85 -2.69 1.62
CA LEU A 17 -5.64 -1.90 2.83
C LEU A 17 -5.62 -2.79 4.06
N GLU A 18 -6.45 -3.83 4.06
CA GLU A 18 -6.51 -4.76 5.18
C GLU A 18 -5.16 -5.41 5.42
N ALA A 19 -4.46 -5.74 4.34
CA ALA A 19 -3.15 -6.37 4.44
C ALA A 19 -2.16 -5.46 5.15
N ILE A 20 -2.23 -4.17 4.85
CA ILE A 20 -1.34 -3.19 5.47
C ILE A 20 -1.62 -3.04 6.96
N LYS A 21 -2.91 -3.01 7.31
CA LYS A 21 -3.32 -2.87 8.69
C LYS A 21 -2.87 -4.08 9.51
N HIS A 22 -2.93 -5.27 8.90
CA HIS A 22 -2.54 -6.49 9.57
C HIS A 22 -1.06 -6.46 9.96
N GLN A 23 -0.26 -5.76 9.15
CA GLN A 23 1.17 -5.66 9.40
C GLN A 23 1.44 -4.96 10.74
N LEU A 24 2.41 -5.47 11.48
CA LEU A 24 2.76 -4.90 12.78
C LEU A 24 3.54 -3.60 12.61
N ASN A 25 2.82 -2.51 12.39
CA ASN A 25 3.44 -1.20 12.20
C ASN A 25 2.38 -0.10 12.11
N PRO A 26 1.72 0.17 13.24
CA PRO A 26 0.67 1.20 13.30
C PRO A 26 1.24 2.61 13.18
N LYS A 27 1.51 3.03 11.94
CA LYS A 27 2.05 4.36 11.68
C LYS A 27 1.84 4.75 10.23
N ASP A 28 1.18 5.88 10.02
CA ASP A 28 0.92 6.39 8.68
C ASP A 28 0.03 5.41 7.91
N ASN A 29 -1.02 4.92 8.57
CA ASN A 29 -1.94 3.98 7.95
C ASN A 29 -3.14 4.71 7.33
N ASP A 30 -3.48 5.86 7.91
CA ASP A 30 -4.60 6.66 7.42
C ASP A 30 -4.23 7.37 6.12
N VAL A 31 -4.25 6.63 5.02
CA VAL A 31 -3.92 7.19 3.72
C VAL A 31 -5.17 7.65 2.98
N GLU A 32 -5.26 8.95 2.73
CA GLU A 32 -6.41 9.51 2.03
C GLU A 32 -5.98 10.19 0.73
N LEU A 33 -4.89 10.95 0.81
CA LEU A 33 -4.38 11.66 -0.37
C LEU A 33 -4.15 10.69 -1.53
N GLY A 1 18.41 6.95 -12.51
CA GLY A 1 17.46 7.99 -12.87
C GLY A 1 16.88 8.69 -11.65
N SER A 2 16.66 9.99 -11.77
CA SER A 2 16.11 10.78 -10.67
C SER A 2 14.71 11.27 -11.00
N GLY A 3 13.90 11.44 -9.95
CA GLY A 3 12.53 11.91 -10.15
C GLY A 3 11.56 10.77 -10.36
N VAL A 4 11.23 10.06 -9.27
CA VAL A 4 10.31 8.94 -9.35
C VAL A 4 8.95 9.31 -8.75
N ILE A 5 8.50 10.53 -9.01
CA ILE A 5 7.22 11.01 -8.51
C ILE A 5 6.17 11.04 -9.60
N ASN A 6 6.14 9.99 -10.43
CA ASN A 6 5.18 9.91 -11.52
C ASN A 6 4.54 8.52 -11.57
N TYR A 7 3.30 8.46 -12.03
CA TYR A 7 2.57 7.20 -12.13
C TYR A 7 2.54 6.49 -10.77
N SER A 8 2.08 7.19 -9.74
CA SER A 8 2.01 6.63 -8.40
C SER A 8 0.58 6.25 -8.05
N VAL A 9 0.22 5.00 -8.34
CA VAL A 9 -1.13 4.51 -8.05
C VAL A 9 -1.37 4.42 -6.56
N LEU A 10 -2.09 5.40 -6.01
CA LEU A 10 -2.40 5.43 -4.58
C LEU A 10 -3.86 5.07 -4.34
N ASP A 11 -4.36 4.11 -5.10
CA ASP A 11 -5.74 3.66 -4.96
C ASP A 11 -5.80 2.24 -4.42
N LEU A 12 -5.30 2.05 -3.20
CA LEU A 12 -5.30 0.74 -2.56
C LEU A 12 -6.72 0.20 -2.42
N THR A 13 -6.89 -1.09 -2.72
CA THR A 13 -8.19 -1.73 -2.63
C THR A 13 -8.52 -2.10 -1.19
N ALA A 14 -9.81 -2.32 -0.91
CA ALA A 14 -10.25 -2.69 0.43
C ALA A 14 -9.51 -3.91 0.94
N GLU A 15 -9.25 -4.86 0.04
CA GLU A 15 -8.54 -6.08 0.39
C GLU A 15 -7.07 -5.81 0.64
N GLU A 16 -6.48 -4.97 -0.21
CA GLU A 16 -5.06 -4.63 -0.08
C GLU A 16 -4.80 -3.87 1.22
N LEU A 17 -5.71 -2.97 1.57
CA LEU A 17 -5.57 -2.19 2.79
C LEU A 17 -5.45 -3.09 4.01
N GLU A 18 -6.16 -4.21 3.98
CA GLU A 18 -6.12 -5.16 5.09
C GLU A 18 -4.71 -5.68 5.32
N ALA A 19 -3.97 -5.87 4.23
CA ALA A 19 -2.61 -6.35 4.30
C ALA A 19 -1.73 -5.41 5.11
N ILE A 20 -1.88 -4.11 4.87
CA ILE A 20 -1.10 -3.10 5.57
C ILE A 20 -1.65 -2.87 6.98
N LYS A 21 -2.98 -2.93 7.11
CA LYS A 21 -3.63 -2.72 8.39
C LYS A 21 -3.17 -3.77 9.41
N HIS A 22 -3.03 -5.01 8.95
CA HIS A 22 -2.60 -6.10 9.83
C HIS A 22 -1.17 -5.87 10.31
N GLN A 23 -0.37 -5.23 9.47
CA GLN A 23 1.03 -4.95 9.82
C GLN A 23 1.77 -6.23 10.18
N LEU A 24 1.69 -7.22 9.30
CA LEU A 24 2.35 -8.50 9.51
C LEU A 24 3.77 -8.49 8.95
N ASN A 25 4.72 -8.03 9.75
CA ASN A 25 6.12 -7.96 9.33
C ASN A 25 6.25 -7.17 8.04
N PRO A 26 6.01 -5.86 8.12
CA PRO A 26 6.11 -4.96 6.97
C PRO A 26 7.55 -4.76 6.50
N LYS A 27 7.74 -4.77 5.18
CA LYS A 27 9.07 -4.60 4.61
C LYS A 27 9.39 -3.12 4.41
N ASP A 28 10.64 -2.76 4.59
CA ASP A 28 11.08 -1.37 4.44
C ASP A 28 11.27 -1.03 2.96
N ASN A 29 10.49 -0.07 2.48
CA ASN A 29 10.56 0.36 1.09
C ASN A 29 11.36 1.66 0.96
N ASP A 30 11.32 2.48 2.00
CA ASP A 30 12.03 3.75 2.01
C ASP A 30 11.56 4.64 0.86
N VAL A 31 10.24 4.63 0.61
CA VAL A 31 9.67 5.43 -0.45
C VAL A 31 10.03 6.91 -0.30
N GLU A 32 10.10 7.35 0.95
CA GLU A 32 10.46 8.74 1.23
C GLU A 32 11.83 9.09 0.67
N LEU A 33 12.12 10.38 0.57
CA LEU A 33 13.40 10.84 0.04
C LEU A 33 14.49 10.70 1.09
N GLY A 1 -8.85 -0.30 -29.98
CA GLY A 1 -9.07 -0.60 -28.59
C GLY A 1 -8.95 0.62 -27.69
N SER A 2 -10.08 1.05 -27.14
CA SER A 2 -10.10 2.21 -26.25
C SER A 2 -11.15 2.06 -25.17
N GLY A 3 -10.79 2.46 -23.95
CA GLY A 3 -11.72 2.35 -22.83
C GLY A 3 -11.73 3.60 -21.98
N VAL A 4 -12.83 3.80 -21.25
CA VAL A 4 -12.97 4.97 -20.39
C VAL A 4 -13.30 4.56 -18.96
N ILE A 5 -12.27 4.28 -18.17
CA ILE A 5 -12.44 3.88 -16.78
C ILE A 5 -12.01 4.99 -15.82
N ASN A 6 -12.74 5.12 -14.72
CA ASN A 6 -12.43 6.14 -13.72
C ASN A 6 -11.25 5.71 -12.86
N TYR A 7 -10.07 6.26 -13.14
CA TYR A 7 -8.87 5.93 -12.39
C TYR A 7 -8.61 6.96 -11.30
N SER A 8 -7.82 6.56 -10.30
CA SER A 8 -7.50 7.45 -9.19
C SER A 8 -6.24 6.99 -8.47
N VAL A 9 -5.44 7.95 -8.00
CA VAL A 9 -4.20 7.65 -7.31
C VAL A 9 -4.47 6.82 -6.05
N LEU A 10 -5.32 7.36 -5.17
CA LEU A 10 -5.66 6.68 -3.94
C LEU A 10 -6.86 5.74 -4.13
N ASP A 11 -6.67 4.72 -4.94
CA ASP A 11 -7.73 3.75 -5.22
C ASP A 11 -7.27 2.33 -4.91
N LEU A 12 -6.75 2.14 -3.70
CA LEU A 12 -6.26 0.83 -3.26
C LEU A 12 -7.43 -0.08 -2.89
N THR A 13 -7.36 -1.33 -3.32
CA THR A 13 -8.41 -2.30 -3.03
C THR A 13 -8.56 -2.51 -1.53
N ALA A 14 -9.75 -2.90 -1.11
CA ALA A 14 -10.03 -3.14 0.31
C ALA A 14 -9.15 -4.25 0.87
N GLU A 15 -8.99 -5.32 0.08
CA GLU A 15 -8.16 -6.44 0.49
C GLU A 15 -6.73 -6.01 0.78
N GLU A 16 -6.24 -5.06 -0.02
CA GLU A 16 -4.88 -4.56 0.14
C GLU A 16 -4.78 -3.64 1.34
N LEU A 17 -5.78 -2.76 1.50
CA LEU A 17 -5.80 -1.82 2.62
C LEU A 17 -5.72 -2.55 3.95
N GLU A 18 -6.55 -3.58 4.11
CA GLU A 18 -6.57 -4.36 5.34
C GLU A 18 -5.24 -5.08 5.53
N ALA A 19 -4.64 -5.54 4.45
CA ALA A 19 -3.37 -6.24 4.50
C ALA A 19 -2.28 -5.36 5.11
N ILE A 20 -2.25 -4.09 4.70
CA ILE A 20 -1.27 -3.15 5.21
C ILE A 20 -1.38 -3.00 6.73
N LYS A 21 -2.61 -3.06 7.24
CA LYS A 21 -2.85 -2.94 8.67
C LYS A 21 -2.50 -4.22 9.40
N HIS A 22 -2.84 -5.35 8.78
CA HIS A 22 -2.56 -6.65 9.37
C HIS A 22 -1.05 -6.88 9.51
N GLN A 23 -0.28 -6.30 8.59
CA GLN A 23 1.17 -6.45 8.61
C GLN A 23 1.57 -7.90 8.43
N LEU A 24 1.04 -8.54 7.40
CA LEU A 24 1.34 -9.94 7.11
C LEU A 24 1.40 -10.18 5.61
N ASN A 25 2.17 -11.20 5.21
CA ASN A 25 2.31 -11.55 3.80
C ASN A 25 1.79 -12.95 3.53
N PRO A 26 0.47 -13.13 3.64
CA PRO A 26 -0.18 -14.43 3.41
C PRO A 26 -0.14 -14.84 1.94
N LYS A 27 -0.81 -15.94 1.63
CA LYS A 27 -0.86 -16.45 0.26
C LYS A 27 -2.30 -16.68 -0.18
N ASP A 28 -2.74 -15.89 -1.16
CA ASP A 28 -4.10 -16.01 -1.68
C ASP A 28 -4.09 -16.52 -3.11
N ASN A 29 -4.66 -17.70 -3.32
CA ASN A 29 -4.72 -18.30 -4.64
C ASN A 29 -6.05 -17.97 -5.34
N ASP A 30 -7.09 -17.78 -4.54
CA ASP A 30 -8.41 -17.47 -5.07
C ASP A 30 -8.92 -16.14 -4.50
N VAL A 31 -9.46 -15.30 -5.36
CA VAL A 31 -9.98 -14.00 -4.95
C VAL A 31 -11.51 -14.01 -4.95
N GLU A 32 -12.09 -15.10 -4.45
CA GLU A 32 -13.54 -15.23 -4.38
C GLU A 32 -13.99 -15.60 -2.98
N LEU A 33 -15.29 -15.58 -2.76
CA LEU A 33 -15.86 -15.92 -1.45
C LEU A 33 -15.58 -17.38 -1.10
N GLY A 1 20.73 12.61 -8.22
CA GLY A 1 20.06 11.33 -8.13
C GLY A 1 18.70 11.42 -7.46
N SER A 2 17.82 10.48 -7.77
CA SER A 2 16.47 10.48 -7.20
C SER A 2 15.89 9.07 -7.22
N GLY A 3 15.06 8.77 -6.23
CA GLY A 3 14.44 7.46 -6.14
C GLY A 3 13.37 7.26 -7.19
N VAL A 4 13.51 6.19 -7.99
CA VAL A 4 12.55 5.89 -9.04
C VAL A 4 11.70 4.68 -8.67
N ILE A 5 10.53 4.92 -8.09
CA ILE A 5 9.62 3.85 -7.70
C ILE A 5 8.66 3.49 -8.83
N ASN A 6 8.50 2.20 -9.08
CA ASN A 6 7.62 1.73 -10.13
C ASN A 6 6.29 1.24 -9.55
N TYR A 7 5.59 2.12 -8.84
CA TYR A 7 4.32 1.78 -8.23
C TYR A 7 3.31 2.91 -8.39
N SER A 8 2.25 2.65 -9.15
CA SER A 8 1.21 3.66 -9.38
C SER A 8 -0.17 3.07 -9.17
N VAL A 9 -0.69 3.22 -7.96
CA VAL A 9 -2.01 2.70 -7.63
C VAL A 9 -3.05 3.83 -7.57
N LEU A 10 -4.25 3.54 -8.05
CA LEU A 10 -5.33 4.53 -8.05
C LEU A 10 -6.48 4.07 -7.17
N ASP A 11 -7.04 2.91 -7.49
CA ASP A 11 -8.15 2.36 -6.72
C ASP A 11 -7.78 1.01 -6.10
N LEU A 12 -6.90 1.05 -5.10
CA LEU A 12 -6.46 -0.16 -4.43
C LEU A 12 -7.64 -0.92 -3.84
N THR A 13 -7.62 -2.24 -4.00
CA THR A 13 -8.68 -3.09 -3.49
C THR A 13 -8.82 -2.96 -1.98
N ALA A 14 -10.03 -3.19 -1.47
CA ALA A 14 -10.29 -3.10 -0.04
C ALA A 14 -9.40 -4.06 0.75
N GLU A 15 -9.26 -5.28 0.23
CA GLU A 15 -8.43 -6.29 0.89
C GLU A 15 -6.99 -5.82 1.02
N GLU A 16 -6.51 -5.12 -0.01
CA GLU A 16 -5.15 -4.61 -0.01
C GLU A 16 -4.91 -3.68 1.18
N LEU A 17 -5.86 -2.79 1.41
CA LEU A 17 -5.76 -1.83 2.51
C LEU A 17 -5.72 -2.56 3.86
N GLU A 18 -6.48 -3.65 3.96
CA GLU A 18 -6.53 -4.42 5.19
C GLU A 18 -5.21 -5.14 5.44
N ALA A 19 -4.57 -5.59 4.36
CA ALA A 19 -3.30 -6.30 4.45
C ALA A 19 -2.23 -5.41 5.08
N ILE A 20 -2.27 -4.12 4.74
CA ILE A 20 -1.30 -3.17 5.28
C ILE A 20 -1.46 -3.01 6.79
N LYS A 21 -2.72 -2.94 7.24
CA LYS A 21 -3.01 -2.79 8.66
C LYS A 21 -2.60 -4.05 9.44
N HIS A 22 -2.81 -5.21 8.83
CA HIS A 22 -2.46 -6.48 9.46
C HIS A 22 -0.96 -6.59 9.66
N GLN A 23 -0.20 -6.00 8.74
CA GLN A 23 1.26 -6.03 8.81
C GLN A 23 1.79 -4.80 9.54
N LEU A 24 3.03 -4.89 10.02
CA LEU A 24 3.67 -3.79 10.73
C LEU A 24 4.51 -2.94 9.78
N ASN A 25 5.10 -1.88 10.31
CA ASN A 25 5.93 -0.99 9.51
C ASN A 25 5.16 -0.48 8.29
N PRO A 26 4.20 0.42 8.53
CA PRO A 26 3.39 1.00 7.46
C PRO A 26 4.18 1.94 6.56
N LYS A 27 3.90 1.90 5.26
CA LYS A 27 4.58 2.74 4.30
C LYS A 27 4.16 4.20 4.46
N ASP A 28 5.04 5.00 5.04
CA ASP A 28 4.76 6.42 5.24
C ASP A 28 5.05 7.22 3.98
N ASN A 29 4.00 7.53 3.23
CA ASN A 29 4.15 8.29 1.99
C ASN A 29 3.60 9.70 2.16
N ASP A 30 2.62 9.85 3.04
CA ASP A 30 2.00 11.15 3.29
C ASP A 30 1.48 11.23 4.72
N VAL A 31 1.92 12.25 5.46
CA VAL A 31 1.49 12.45 6.84
C VAL A 31 0.40 13.50 6.93
N GLU A 32 -0.53 13.48 5.98
CA GLU A 32 -1.62 14.44 5.96
C GLU A 32 -2.92 13.77 5.56
N LEU A 33 -4.03 14.45 5.82
CA LEU A 33 -5.35 13.93 5.48
C LEU A 33 -5.97 14.69 4.32
N GLY A 1 16.66 2.58 -16.93
CA GLY A 1 16.33 3.47 -15.83
C GLY A 1 15.18 2.93 -14.98
N SER A 2 15.51 2.48 -13.78
CA SER A 2 14.51 1.93 -12.87
C SER A 2 13.41 2.96 -12.60
N GLY A 3 12.32 2.50 -11.99
CA GLY A 3 11.20 3.38 -11.70
C GLY A 3 9.95 2.63 -11.28
N VAL A 4 9.95 2.12 -10.06
CA VAL A 4 8.80 1.37 -9.56
C VAL A 4 8.48 1.78 -8.12
N ILE A 5 7.28 2.32 -7.92
CA ILE A 5 6.84 2.75 -6.60
C ILE A 5 7.00 1.62 -5.58
N ASN A 6 7.08 2.00 -4.30
CA ASN A 6 7.23 1.02 -3.24
C ASN A 6 6.33 1.37 -2.05
N TYR A 7 5.28 0.59 -1.86
CA TYR A 7 4.35 0.82 -0.77
C TYR A 7 3.77 2.23 -0.83
N SER A 8 3.38 2.65 -2.02
CA SER A 8 2.82 3.98 -2.21
C SER A 8 1.29 3.93 -2.29
N VAL A 9 0.63 4.83 -1.56
CA VAL A 9 -0.82 4.88 -1.54
C VAL A 9 -1.37 5.43 -2.85
N LEU A 10 -1.52 4.55 -3.84
CA LEU A 10 -2.02 4.95 -5.16
C LEU A 10 -3.36 4.29 -5.44
N ASP A 11 -4.41 4.75 -4.75
CA ASP A 11 -5.75 4.21 -4.92
C ASP A 11 -5.76 2.70 -4.69
N LEU A 12 -5.18 2.28 -3.57
CA LEU A 12 -5.12 0.86 -3.24
C LEU A 12 -6.51 0.30 -2.97
N THR A 13 -6.75 -0.93 -3.40
CA THR A 13 -8.04 -1.58 -3.21
C THR A 13 -8.34 -1.78 -1.73
N ALA A 14 -9.63 -1.83 -1.40
CA ALA A 14 -10.05 -2.02 -0.01
C ALA A 14 -9.50 -3.32 0.56
N GLU A 15 -9.58 -4.39 -0.22
CA GLU A 15 -9.09 -5.70 0.21
C GLU A 15 -7.60 -5.64 0.54
N GLU A 16 -6.84 -4.90 -0.28
CA GLU A 16 -5.41 -4.77 -0.07
C GLU A 16 -5.12 -3.93 1.18
N LEU A 17 -5.95 -2.94 1.42
CA LEU A 17 -5.78 -2.06 2.58
C LEU A 17 -5.80 -2.87 3.87
N GLU A 18 -6.61 -3.91 3.90
CA GLU A 18 -6.72 -4.77 5.08
C GLU A 18 -5.37 -5.38 5.42
N ALA A 19 -4.60 -5.72 4.40
CA ALA A 19 -3.28 -6.31 4.59
C ALA A 19 -2.34 -5.35 5.30
N ILE A 20 -2.48 -4.06 4.99
CA ILE A 20 -1.64 -3.03 5.60
C ILE A 20 -1.90 -2.93 7.10
N LYS A 21 -3.16 -3.10 7.49
CA LYS A 21 -3.55 -3.03 8.89
C LYS A 21 -2.74 -4.02 9.73
N HIS A 22 -2.46 -5.18 9.16
CA HIS A 22 -1.69 -6.20 9.85
C HIS A 22 -0.29 -5.71 10.20
N GLN A 23 0.24 -4.83 9.35
CA GLN A 23 1.57 -4.28 9.56
C GLN A 23 2.62 -5.39 9.64
N LEU A 24 2.62 -6.27 8.64
CA LEU A 24 3.57 -7.38 8.60
C LEU A 24 4.94 -6.90 8.17
N ASN A 25 5.71 -6.34 9.12
CA ASN A 25 7.04 -5.85 8.83
C ASN A 25 7.01 -4.80 7.72
N PRO A 26 6.47 -3.61 8.04
CA PRO A 26 6.37 -2.50 7.08
C PRO A 26 7.73 -1.91 6.73
N LYS A 27 7.95 -1.66 5.45
CA LYS A 27 9.20 -1.09 4.99
C LYS A 27 9.04 0.40 4.65
N ASP A 28 8.32 1.11 5.51
CA ASP A 28 8.09 2.54 5.31
C ASP A 28 8.77 3.36 6.39
N ASN A 29 9.71 4.22 6.00
CA ASN A 29 10.43 5.05 6.93
C ASN A 29 9.79 6.44 7.05
N ASP A 30 9.13 6.87 5.97
CA ASP A 30 8.48 8.17 5.95
C ASP A 30 7.26 8.17 6.87
N VAL A 31 6.25 7.39 6.51
CA VAL A 31 5.03 7.30 7.29
C VAL A 31 4.92 5.94 7.99
N GLU A 32 4.21 5.92 9.12
CA GLU A 32 4.04 4.69 9.88
C GLU A 32 2.75 3.98 9.49
N LEU A 33 1.63 4.66 9.68
CA LEU A 33 0.32 4.10 9.34
C LEU A 33 -0.09 4.50 7.93
N GLY A 1 18.33 2.34 -1.80
CA GLY A 1 18.74 3.73 -1.69
C GLY A 1 17.73 4.68 -2.31
N SER A 2 17.29 4.36 -3.52
CA SER A 2 16.31 5.20 -4.21
C SER A 2 14.96 4.50 -4.31
N GLY A 3 13.90 5.29 -4.40
CA GLY A 3 12.56 4.73 -4.49
C GLY A 3 11.70 5.46 -5.51
N VAL A 4 11.55 4.87 -6.70
CA VAL A 4 10.75 5.46 -7.75
C VAL A 4 9.48 4.65 -8.00
N ILE A 5 8.38 5.34 -8.25
CA ILE A 5 7.10 4.69 -8.51
C ILE A 5 6.68 3.84 -7.31
N ASN A 6 6.16 4.50 -6.29
CA ASN A 6 5.71 3.81 -5.08
C ASN A 6 4.61 4.60 -4.38
N TYR A 7 3.62 3.88 -3.85
CA TYR A 7 2.51 4.52 -3.15
C TYR A 7 1.77 5.49 -4.07
N SER A 8 1.52 5.05 -5.31
CA SER A 8 0.82 5.88 -6.29
C SER A 8 -0.68 5.64 -6.22
N VAL A 9 -1.07 4.40 -5.95
CA VAL A 9 -2.48 4.04 -5.85
C VAL A 9 -3.22 4.97 -4.89
N LEU A 10 -4.30 5.57 -5.38
CA LEU A 10 -5.11 6.47 -4.56
C LEU A 10 -6.33 5.76 -4.00
N ASP A 11 -7.03 5.03 -4.85
CA ASP A 11 -8.21 4.29 -4.43
C ASP A 11 -7.86 2.86 -4.05
N LEU A 12 -7.11 2.71 -2.96
CA LEU A 12 -6.71 1.40 -2.49
C LEU A 12 -7.92 0.52 -2.21
N THR A 13 -7.83 -0.75 -2.58
CA THR A 13 -8.92 -1.69 -2.37
C THR A 13 -8.95 -2.17 -0.91
N ALA A 14 -10.07 -2.78 -0.53
CA ALA A 14 -10.23 -3.29 0.83
C ALA A 14 -9.16 -4.32 1.16
N GLU A 15 -8.91 -5.24 0.25
CA GLU A 15 -7.91 -6.28 0.45
C GLU A 15 -6.52 -5.66 0.65
N GLU A 16 -6.26 -4.57 -0.07
CA GLU A 16 -4.97 -3.89 0.03
C GLU A 16 -4.85 -3.15 1.36
N LEU A 17 -5.97 -2.58 1.82
CA LEU A 17 -5.99 -1.83 3.07
C LEU A 17 -5.86 -2.77 4.26
N GLU A 18 -6.65 -3.85 4.26
CA GLU A 18 -6.61 -4.82 5.34
C GLU A 18 -5.25 -5.51 5.40
N ALA A 19 -4.67 -5.76 4.24
CA ALA A 19 -3.37 -6.42 4.16
C ALA A 19 -2.30 -5.60 4.88
N ILE A 20 -2.29 -4.30 4.64
CA ILE A 20 -1.32 -3.41 5.27
C ILE A 20 -1.68 -3.16 6.73
N LYS A 21 -2.97 -3.02 7.00
CA LYS A 21 -3.44 -2.77 8.35
C LYS A 21 -2.99 -3.87 9.31
N HIS A 22 -2.99 -5.10 8.82
CA HIS A 22 -2.58 -6.25 9.63
C HIS A 22 -1.05 -6.32 9.73
N GLN A 23 -0.37 -5.86 8.68
CA GLN A 23 1.09 -5.87 8.65
C GLN A 23 1.65 -4.79 9.57
N LEU A 24 2.66 -5.16 10.36
CA LEU A 24 3.29 -4.22 11.28
C LEU A 24 4.63 -3.73 10.72
N ASN A 25 4.74 -2.42 10.55
CA ASN A 25 5.97 -1.82 10.04
C ASN A 25 6.37 -2.47 8.71
N PRO A 26 5.57 -2.22 7.66
CA PRO A 26 5.82 -2.77 6.32
C PRO A 26 7.04 -2.15 5.67
N LYS A 27 8.19 -2.82 5.78
CA LYS A 27 9.42 -2.32 5.20
C LYS A 27 9.56 -2.78 3.74
N ASP A 28 8.55 -2.45 2.94
CA ASP A 28 8.56 -2.82 1.53
C ASP A 28 8.74 -4.33 1.36
N ASN A 29 7.92 -5.10 2.07
CA ASN A 29 7.99 -6.55 2.00
C ASN A 29 7.24 -7.08 0.78
N ASP A 30 6.22 -6.34 0.35
CA ASP A 30 5.42 -6.73 -0.82
C ASP A 30 5.97 -6.09 -2.09
N VAL A 31 6.12 -6.90 -3.13
CA VAL A 31 6.63 -6.42 -4.41
C VAL A 31 5.81 -6.96 -5.57
N GLU A 32 5.35 -6.06 -6.43
CA GLU A 32 4.54 -6.46 -7.59
C GLU A 32 5.37 -7.30 -8.56
N LEU A 33 4.87 -8.49 -8.87
CA LEU A 33 5.56 -9.40 -9.78
C LEU A 33 7.01 -9.61 -9.35
N GLY A 1 -1.57 22.26 -18.50
CA GLY A 1 -1.28 22.62 -17.12
C GLY A 1 -0.86 21.41 -16.30
N SER A 2 -1.19 21.42 -15.01
CA SER A 2 -0.84 20.33 -14.11
C SER A 2 -2.10 19.60 -13.63
N GLY A 3 -2.33 18.41 -14.16
CA GLY A 3 -3.49 17.64 -13.76
C GLY A 3 -3.36 16.17 -14.12
N VAL A 4 -2.20 15.58 -13.83
CA VAL A 4 -1.96 14.18 -14.14
C VAL A 4 -1.26 13.48 -12.97
N ILE A 5 -1.76 12.31 -12.61
CA ILE A 5 -1.18 11.53 -11.51
C ILE A 5 -0.22 10.47 -12.04
N ASN A 6 0.87 10.26 -11.31
CA ASN A 6 1.87 9.27 -11.70
C ASN A 6 1.79 8.04 -10.80
N TYR A 7 0.59 7.51 -10.65
CA TYR A 7 0.37 6.32 -9.82
C TYR A 7 -0.47 5.28 -10.55
N SER A 8 -0.04 4.03 -10.50
CA SER A 8 -0.75 2.95 -11.16
C SER A 8 -1.93 2.48 -10.31
N VAL A 9 -1.76 2.49 -9.00
CA VAL A 9 -2.81 2.08 -8.08
C VAL A 9 -3.25 3.23 -7.18
N LEU A 10 -4.06 4.13 -7.74
CA LEU A 10 -4.55 5.28 -7.00
C LEU A 10 -5.62 4.86 -5.99
N ASP A 11 -6.46 3.91 -6.39
CA ASP A 11 -7.51 3.42 -5.51
C ASP A 11 -7.27 1.95 -5.13
N LEU A 12 -6.44 1.74 -4.13
CA LEU A 12 -6.13 0.39 -3.67
C LEU A 12 -7.39 -0.36 -3.28
N THR A 13 -7.40 -1.67 -3.54
CA THR A 13 -8.54 -2.50 -3.22
C THR A 13 -8.74 -2.61 -1.70
N ALA A 14 -9.97 -2.94 -1.29
CA ALA A 14 -10.28 -3.06 0.12
C ALA A 14 -9.45 -4.17 0.77
N GLU A 15 -9.21 -5.24 0.03
CA GLU A 15 -8.43 -6.36 0.53
C GLU A 15 -6.98 -5.94 0.79
N GLU A 16 -6.45 -5.11 -0.09
CA GLU A 16 -5.08 -4.63 0.04
C GLU A 16 -4.91 -3.79 1.29
N LEU A 17 -5.86 -2.88 1.53
CA LEU A 17 -5.81 -2.02 2.70
C LEU A 17 -5.74 -2.84 3.98
N GLU A 18 -6.46 -3.96 4.01
CA GLU A 18 -6.48 -4.83 5.18
C GLU A 18 -5.09 -5.42 5.43
N ALA A 19 -4.38 -5.74 4.36
CA ALA A 19 -3.05 -6.30 4.47
C ALA A 19 -2.08 -5.32 5.13
N ILE A 20 -2.23 -4.04 4.81
CA ILE A 20 -1.39 -3.00 5.37
C ILE A 20 -1.64 -2.82 6.86
N LYS A 21 -2.91 -2.90 7.25
CA LYS A 21 -3.29 -2.75 8.65
C LYS A 21 -2.77 -3.91 9.48
N HIS A 22 -2.78 -5.10 8.89
CA HIS A 22 -2.31 -6.31 9.58
C HIS A 22 -0.79 -6.32 9.65
N GLN A 23 -0.15 -5.76 8.63
CA GLN A 23 1.31 -5.72 8.57
C GLN A 23 1.82 -4.29 8.78
N LEU A 24 2.13 -3.97 10.03
CA LEU A 24 2.63 -2.64 10.37
C LEU A 24 4.10 -2.49 9.97
N ASN A 25 4.36 -2.52 8.67
CA ASN A 25 5.72 -2.39 8.15
C ASN A 25 5.72 -1.87 6.72
N PRO A 26 5.33 -0.60 6.55
CA PRO A 26 5.27 0.05 5.23
C PRO A 26 6.65 0.30 4.65
N LYS A 27 7.24 -0.76 4.09
CA LYS A 27 8.57 -0.65 3.49
C LYS A 27 8.72 -1.63 2.33
N ASP A 28 9.83 -1.52 1.62
CA ASP A 28 10.10 -2.40 0.47
C ASP A 28 11.47 -3.06 0.61
N ASN A 29 11.64 -4.17 -0.10
CA ASN A 29 12.90 -4.91 -0.06
C ASN A 29 14.04 -4.08 -0.67
N ASP A 30 13.69 -3.21 -1.61
CA ASP A 30 14.66 -2.35 -2.26
C ASP A 30 15.41 -1.50 -1.25
N VAL A 31 16.71 -1.76 -1.10
CA VAL A 31 17.54 -1.01 -0.16
C VAL A 31 18.72 -0.36 -0.87
N GLU A 32 19.37 0.57 -0.17
CA GLU A 32 20.52 1.28 -0.74
C GLU A 32 21.82 0.67 -0.25
N LEU A 33 22.90 0.92 -0.98
CA LEU A 33 24.21 0.40 -0.62
C LEU A 33 25.14 1.52 -0.18
N GLY A 1 -4.71 -14.24 -17.35
CA GLY A 1 -4.39 -14.43 -18.76
C GLY A 1 -2.90 -14.52 -19.01
N SER A 2 -2.30 -13.40 -19.38
CA SER A 2 -0.87 -13.36 -19.66
C SER A 2 -0.06 -13.30 -18.37
N GLY A 3 -0.42 -12.36 -17.50
CA GLY A 3 0.27 -12.21 -16.23
C GLY A 3 1.07 -10.92 -16.17
N VAL A 4 0.43 -9.85 -15.71
CA VAL A 4 1.09 -8.55 -15.60
C VAL A 4 0.41 -7.70 -14.53
N ILE A 5 1.23 -7.10 -13.66
CA ILE A 5 0.72 -6.25 -12.59
C ILE A 5 0.94 -4.77 -12.90
N ASN A 6 -0.07 -4.14 -13.48
CA ASN A 6 0.02 -2.72 -13.82
C ASN A 6 -0.19 -1.84 -12.59
N TYR A 7 0.54 -0.73 -12.54
CA TYR A 7 0.43 0.19 -11.41
C TYR A 7 0.01 1.58 -11.89
N SER A 8 -1.03 1.62 -12.72
CA SER A 8 -1.54 2.88 -13.25
C SER A 8 -2.82 3.30 -12.53
N VAL A 9 -2.86 3.05 -11.22
CA VAL A 9 -4.02 3.40 -10.41
C VAL A 9 -3.61 4.24 -9.21
N LEU A 10 -4.51 5.10 -8.77
CA LEU A 10 -4.25 5.96 -7.62
C LEU A 10 -5.26 5.70 -6.50
N ASP A 11 -5.65 4.44 -6.34
CA ASP A 11 -6.59 4.06 -5.31
C ASP A 11 -6.44 2.58 -4.95
N LEU A 12 -5.83 2.31 -3.81
CA LEU A 12 -5.62 0.93 -3.35
C LEU A 12 -6.96 0.25 -3.08
N THR A 13 -7.02 -1.04 -3.39
CA THR A 13 -8.24 -1.82 -3.17
C THR A 13 -8.51 -2.01 -1.68
N ALA A 14 -9.77 -2.26 -1.34
CA ALA A 14 -10.16 -2.47 0.05
C ALA A 14 -9.41 -3.64 0.65
N GLU A 15 -9.31 -4.74 -0.11
CA GLU A 15 -8.61 -5.92 0.36
C GLU A 15 -7.14 -5.62 0.65
N GLU A 16 -6.54 -4.77 -0.17
CA GLU A 16 -5.14 -4.40 0.00
C GLU A 16 -4.93 -3.69 1.35
N LEU A 17 -5.85 -2.78 1.67
CA LEU A 17 -5.75 -2.03 2.91
C LEU A 17 -5.71 -2.96 4.12
N GLU A 18 -6.44 -4.07 4.02
CA GLU A 18 -6.49 -5.05 5.10
C GLU A 18 -5.12 -5.72 5.29
N ALA A 19 -4.43 -5.94 4.18
CA ALA A 19 -3.12 -6.58 4.20
C ALA A 19 -2.08 -5.65 4.82
N ILE A 20 -2.23 -4.35 4.57
CA ILE A 20 -1.30 -3.36 5.10
C ILE A 20 -1.61 -3.03 6.55
N LYS A 21 -2.87 -2.72 6.81
CA LYS A 21 -3.30 -2.38 8.17
C LYS A 21 -3.01 -3.53 9.13
N HIS A 22 -3.08 -4.75 8.63
CA HIS A 22 -2.82 -5.93 9.44
C HIS A 22 -1.38 -5.92 9.96
N GLN A 23 -0.48 -5.35 9.18
CA GLN A 23 0.93 -5.27 9.56
C GLN A 23 1.72 -4.43 8.56
N LEU A 24 2.63 -3.62 9.06
CA LEU A 24 3.46 -2.77 8.22
C LEU A 24 4.71 -3.51 7.76
N ASN A 25 5.23 -3.12 6.60
CA ASN A 25 6.42 -3.75 6.04
C ASN A 25 6.19 -5.23 5.78
N PRO A 26 5.38 -5.54 4.77
CA PRO A 26 5.06 -6.92 4.39
C PRO A 26 6.25 -7.65 3.78
N LYS A 27 6.34 -8.95 4.04
CA LYS A 27 7.43 -9.76 3.52
C LYS A 27 6.89 -11.02 2.84
N ASP A 28 5.93 -11.68 3.49
CA ASP A 28 5.34 -12.89 2.95
C ASP A 28 3.85 -12.68 2.66
N ASN A 29 3.52 -11.53 2.08
CA ASN A 29 2.13 -11.22 1.76
C ASN A 29 1.65 -12.02 0.56
N ASP A 30 2.59 -12.38 -0.33
CA ASP A 30 2.26 -13.15 -1.51
C ASP A 30 2.84 -14.56 -1.42
N VAL A 31 2.54 -15.38 -2.42
CA VAL A 31 3.02 -16.76 -2.45
C VAL A 31 4.15 -16.92 -3.46
N GLU A 32 5.06 -17.85 -3.18
CA GLU A 32 6.19 -18.11 -4.07
C GLU A 32 5.78 -19.04 -5.21
N LEU A 33 6.43 -18.86 -6.36
CA LEU A 33 6.15 -19.68 -7.53
C LEU A 33 6.72 -21.08 -7.37
N GLY A 1 -6.30 -9.66 -7.12
CA GLY A 1 -5.15 -9.65 -8.02
C GLY A 1 -3.86 -9.97 -7.30
N SER A 2 -2.87 -10.46 -8.05
CA SER A 2 -1.58 -10.81 -7.48
C SER A 2 -0.48 -9.90 -8.02
N GLY A 3 0.08 -9.08 -7.14
CA GLY A 3 1.13 -8.17 -7.54
C GLY A 3 0.60 -6.85 -8.05
N VAL A 4 0.90 -5.77 -7.32
CA VAL A 4 0.43 -4.44 -7.69
C VAL A 4 1.58 -3.44 -7.67
N ILE A 5 2.31 -3.35 -8.78
CA ILE A 5 3.42 -2.42 -8.88
C ILE A 5 3.00 -1.12 -9.54
N ASN A 6 2.45 -0.21 -8.75
CA ASN A 6 2.01 1.09 -9.25
C ASN A 6 2.55 2.23 -8.39
N TYR A 7 2.34 3.46 -8.85
CA TYR A 7 2.81 4.63 -8.12
C TYR A 7 1.67 5.27 -7.33
N SER A 8 0.61 5.63 -8.03
CA SER A 8 -0.55 6.26 -7.40
C SER A 8 -1.38 5.23 -6.64
N VAL A 9 -1.09 5.08 -5.35
CA VAL A 9 -1.82 4.13 -4.51
C VAL A 9 -2.86 4.83 -3.65
N LEU A 10 -3.62 5.74 -4.27
CA LEU A 10 -4.66 6.48 -3.57
C LEU A 10 -5.94 5.67 -3.49
N ASP A 11 -6.31 5.03 -4.60
CA ASP A 11 -7.51 4.22 -4.65
C ASP A 11 -7.19 2.75 -4.45
N LEU A 12 -6.41 2.45 -3.42
CA LEU A 12 -6.02 1.08 -3.12
C LEU A 12 -7.25 0.21 -2.86
N THR A 13 -7.16 -1.06 -3.25
CA THR A 13 -8.25 -2.00 -3.06
C THR A 13 -8.56 -2.20 -1.59
N ALA A 14 -9.79 -2.58 -1.28
CA ALA A 14 -10.20 -2.82 0.10
C ALA A 14 -9.39 -3.93 0.73
N GLU A 15 -9.11 -4.98 -0.04
CA GLU A 15 -8.34 -6.11 0.44
C GLU A 15 -6.92 -5.69 0.79
N GLU A 16 -6.33 -4.86 -0.06
CA GLU A 16 -4.97 -4.39 0.16
C GLU A 16 -4.86 -3.61 1.47
N LEU A 17 -5.84 -2.74 1.71
CA LEU A 17 -5.86 -1.94 2.93
C LEU A 17 -5.81 -2.82 4.17
N GLU A 18 -6.52 -3.94 4.12
CA GLU A 18 -6.56 -4.87 5.24
C GLU A 18 -5.19 -5.52 5.46
N ALA A 19 -4.52 -5.86 4.36
CA ALA A 19 -3.20 -6.48 4.41
C ALA A 19 -2.18 -5.54 5.07
N ILE A 20 -2.25 -4.26 4.72
CA ILE A 20 -1.34 -3.27 5.27
C ILE A 20 -1.62 -3.03 6.76
N LYS A 21 -2.90 -2.96 7.11
CA LYS A 21 -3.29 -2.75 8.49
C LYS A 21 -2.72 -3.82 9.40
N HIS A 22 -2.75 -5.07 8.95
CA HIS A 22 -2.23 -6.18 9.71
C HIS A 22 -0.70 -6.15 9.77
N GLN A 23 -0.10 -5.64 8.70
CA GLN A 23 1.36 -5.54 8.62
C GLN A 23 1.86 -4.29 9.35
N LEU A 24 3.10 -4.35 9.81
CA LEU A 24 3.70 -3.22 10.52
C LEU A 24 4.35 -2.25 9.55
N ASN A 25 3.85 -1.02 9.52
CA ASN A 25 4.38 0.01 8.64
C ASN A 25 4.22 1.39 9.26
N PRO A 26 5.01 2.36 8.75
CA PRO A 26 4.96 3.75 9.24
C PRO A 26 3.67 4.46 8.85
N LYS A 27 3.42 5.59 9.50
CA LYS A 27 2.21 6.36 9.22
C LYS A 27 2.47 7.40 8.13
N ASP A 28 3.47 8.24 8.34
CA ASP A 28 3.83 9.28 7.38
C ASP A 28 5.34 9.41 7.25
N ASN A 29 5.86 9.07 6.07
CA ASN A 29 7.30 9.15 5.82
C ASN A 29 7.68 10.51 5.24
N ASP A 30 6.74 11.11 4.53
CA ASP A 30 6.97 12.41 3.91
C ASP A 30 6.07 13.47 4.53
N VAL A 31 6.37 13.85 5.77
CA VAL A 31 5.59 14.85 6.48
C VAL A 31 5.71 16.22 5.81
N GLU A 32 4.61 16.94 5.73
CA GLU A 32 4.60 18.26 5.12
C GLU A 32 3.86 19.27 6.01
N LEU A 33 2.68 18.87 6.48
CA LEU A 33 1.88 19.74 7.33
C LEU A 33 2.63 20.10 8.62
N GLY A 1 -0.70 -1.44 -13.65
CA GLY A 1 0.69 -1.67 -14.05
C GLY A 1 1.65 -0.82 -13.24
N SER A 2 1.23 0.38 -12.88
CA SER A 2 2.07 1.29 -12.10
C SER A 2 2.19 0.83 -10.66
N GLY A 3 3.38 1.00 -10.07
CA GLY A 3 3.60 0.59 -8.70
C GLY A 3 3.29 1.69 -7.71
N VAL A 4 3.85 2.88 -7.95
CA VAL A 4 3.63 4.02 -7.08
C VAL A 4 4.25 5.29 -7.67
N ILE A 5 3.60 6.42 -7.44
CA ILE A 5 4.09 7.70 -7.94
C ILE A 5 4.21 8.73 -6.82
N ASN A 6 3.27 8.68 -5.87
CA ASN A 6 3.27 9.61 -4.75
C ASN A 6 2.23 9.20 -3.71
N TYR A 7 2.15 9.97 -2.63
CA TYR A 7 1.19 9.69 -1.56
C TYR A 7 -0.20 10.14 -1.95
N SER A 8 -0.95 9.24 -2.59
CA SER A 8 -2.31 9.55 -3.02
C SER A 8 -3.08 8.26 -3.31
N VAL A 9 -4.16 8.05 -2.55
CA VAL A 9 -4.99 6.86 -2.72
C VAL A 9 -5.66 6.85 -4.09
N LEU A 10 -5.34 5.85 -4.89
CA LEU A 10 -5.92 5.72 -6.23
C LEU A 10 -7.01 4.66 -6.25
N ASP A 11 -7.97 4.77 -5.34
CA ASP A 11 -9.07 3.82 -5.26
C ASP A 11 -8.55 2.40 -5.06
N LEU A 12 -7.74 2.22 -4.01
CA LEU A 12 -7.18 0.90 -3.70
C LEU A 12 -8.26 -0.05 -3.23
N THR A 13 -7.99 -1.35 -3.37
CA THR A 13 -8.94 -2.38 -2.95
C THR A 13 -8.96 -2.53 -1.43
N ALA A 14 -10.08 -2.99 -0.90
CA ALA A 14 -10.23 -3.18 0.54
C ALA A 14 -9.24 -4.23 1.05
N GLU A 15 -9.04 -5.28 0.26
CA GLU A 15 -8.12 -6.35 0.64
C GLU A 15 -6.69 -5.83 0.75
N GLU A 16 -6.31 -4.94 -0.16
CA GLU A 16 -4.97 -4.36 -0.16
C GLU A 16 -4.75 -3.50 1.08
N LEU A 17 -5.78 -2.76 1.47
CA LEU A 17 -5.70 -1.90 2.63
C LEU A 17 -5.61 -2.71 3.93
N GLU A 18 -6.46 -3.73 4.02
CA GLU A 18 -6.47 -4.60 5.20
C GLU A 18 -5.11 -5.27 5.40
N ALA A 19 -4.47 -5.64 4.30
CA ALA A 19 -3.17 -6.28 4.36
C ALA A 19 -2.14 -5.38 5.02
N ILE A 20 -2.22 -4.08 4.74
CA ILE A 20 -1.30 -3.12 5.32
C ILE A 20 -1.55 -2.93 6.80
N LYS A 21 -2.82 -2.89 7.18
CA LYS A 21 -3.19 -2.72 8.59
C LYS A 21 -2.85 -3.97 9.39
N HIS A 22 -3.05 -5.13 8.78
CA HIS A 22 -2.75 -6.40 9.45
C HIS A 22 -1.26 -6.54 9.71
N GLN A 23 -0.45 -5.97 8.83
CA GLN A 23 1.01 -6.04 8.96
C GLN A 23 1.47 -5.38 10.26
N LEU A 24 2.42 -6.02 10.93
CA LEU A 24 2.95 -5.50 12.18
C LEU A 24 3.83 -4.28 11.94
N ASN A 25 3.22 -3.10 12.01
CA ASN A 25 3.96 -1.85 11.80
C ASN A 25 4.76 -1.48 13.04
N PRO A 26 5.76 -0.60 12.86
CA PRO A 26 6.62 -0.15 13.96
C PRO A 26 5.87 0.77 14.92
N LYS A 27 5.46 0.22 16.06
CA LYS A 27 4.74 0.98 17.07
C LYS A 27 5.37 0.80 18.44
N ASP A 28 4.98 1.65 19.39
CA ASP A 28 5.51 1.57 20.75
C ASP A 28 5.26 0.20 21.35
N ASN A 29 6.27 -0.32 22.05
CA ASN A 29 6.17 -1.63 22.67
C ASN A 29 5.46 -1.54 24.02
N ASP A 30 5.58 -0.39 24.67
CA ASP A 30 4.95 -0.17 25.97
C ASP A 30 4.57 1.30 26.14
N VAL A 31 3.26 1.55 26.26
CA VAL A 31 2.76 2.90 26.43
C VAL A 31 1.98 3.04 27.72
N GLU A 32 1.23 2.00 28.07
CA GLU A 32 0.42 2.00 29.30
C GLU A 32 1.18 1.34 30.44
N LEU A 33 1.01 1.87 31.65
CA LEU A 33 1.68 1.33 32.82
C LEU A 33 0.70 0.53 33.68
N GLY A 1 3.59 -6.14 -5.94
CA GLY A 1 4.15 -4.80 -5.90
C GLY A 1 3.90 -4.11 -4.57
N SER A 2 4.91 -4.09 -3.71
CA SER A 2 4.80 -3.46 -2.41
C SER A 2 6.09 -2.74 -2.03
N GLY A 3 6.00 -1.86 -1.03
CA GLY A 3 7.17 -1.12 -0.59
C GLY A 3 7.14 0.33 -1.03
N VAL A 4 6.06 1.02 -0.68
CA VAL A 4 5.91 2.43 -1.03
C VAL A 4 6.35 3.34 0.12
N ILE A 5 7.00 4.44 -0.23
CA ILE A 5 7.47 5.39 0.77
C ILE A 5 6.83 6.76 0.57
N ASN A 6 7.02 7.33 -0.62
CA ASN A 6 6.46 8.64 -0.93
C ASN A 6 4.94 8.61 -0.89
N TYR A 7 4.31 9.75 -1.12
CA TYR A 7 2.86 9.86 -1.10
C TYR A 7 2.24 8.95 -2.16
N SER A 8 0.97 8.60 -1.96
CA SER A 8 0.27 7.72 -2.88
C SER A 8 -1.24 7.83 -2.68
N VAL A 9 -1.98 7.91 -3.78
CA VAL A 9 -3.43 8.02 -3.72
C VAL A 9 -4.03 6.81 -3.00
N LEU A 10 -4.98 7.09 -2.11
CA LEU A 10 -5.64 6.03 -1.35
C LEU A 10 -6.81 5.44 -2.13
N ASP A 11 -6.50 4.83 -3.27
CA ASP A 11 -7.52 4.22 -4.12
C ASP A 11 -7.24 2.74 -4.34
N LEU A 12 -6.74 2.08 -3.30
CA LEU A 12 -6.42 0.66 -3.37
C LEU A 12 -7.61 -0.18 -2.94
N THR A 13 -7.60 -1.46 -3.33
CA THR A 13 -8.68 -2.37 -2.99
C THR A 13 -8.80 -2.52 -1.47
N ALA A 14 -9.97 -2.97 -1.02
CA ALA A 14 -10.22 -3.15 0.41
C ALA A 14 -9.23 -4.15 1.00
N GLU A 15 -8.93 -5.20 0.27
CA GLU A 15 -8.00 -6.23 0.72
C GLU A 15 -6.60 -5.66 0.88
N GLU A 16 -6.23 -4.76 -0.03
CA GLU A 16 -4.91 -4.13 0.01
C GLU A 16 -4.73 -3.31 1.28
N LEU A 17 -5.80 -2.65 1.71
CA LEU A 17 -5.77 -1.83 2.92
C LEU A 17 -5.75 -2.70 4.16
N GLU A 18 -6.46 -3.82 4.11
CA GLU A 18 -6.52 -4.74 5.24
C GLU A 18 -5.17 -5.42 5.46
N ALA A 19 -4.53 -5.80 4.37
CA ALA A 19 -3.24 -6.47 4.43
C ALA A 19 -2.19 -5.56 5.08
N ILE A 20 -2.26 -4.28 4.78
CA ILE A 20 -1.33 -3.31 5.34
C ILE A 20 -1.65 -3.01 6.80
N LYS A 21 -2.93 -2.97 7.13
CA LYS A 21 -3.37 -2.69 8.49
C LYS A 21 -2.95 -3.82 9.43
N HIS A 22 -2.99 -5.05 8.93
CA HIS A 22 -2.61 -6.21 9.73
C HIS A 22 -1.15 -6.12 10.16
N GLN A 23 -0.32 -5.50 9.32
CA GLN A 23 1.10 -5.35 9.62
C GLN A 23 1.38 -3.98 10.24
N LEU A 24 2.60 -3.79 10.74
CA LEU A 24 3.00 -2.53 11.35
C LEU A 24 3.06 -1.41 10.32
N ASN A 25 2.44 -0.29 10.63
CA ASN A 25 2.43 0.86 9.72
C ASN A 25 2.22 2.15 10.50
N PRO A 26 2.59 3.29 9.87
CA PRO A 26 2.45 4.61 10.48
C PRO A 26 0.99 5.04 10.61
N LYS A 27 0.77 6.19 11.23
CA LYS A 27 -0.59 6.71 11.42
C LYS A 27 -0.83 7.91 10.50
N ASP A 28 -1.24 7.63 9.26
CA ASP A 28 -1.52 8.68 8.29
C ASP A 28 -3.01 8.81 8.05
N ASN A 29 -3.79 8.78 9.12
CA ASN A 29 -5.24 8.89 9.02
C ASN A 29 -5.74 10.17 9.67
N ASP A 30 -5.00 10.63 10.68
CA ASP A 30 -5.37 11.85 11.40
C ASP A 30 -4.15 12.46 12.10
N VAL A 31 -4.35 13.61 12.71
CA VAL A 31 -3.28 14.30 13.42
C VAL A 31 -2.61 13.37 14.44
N GLU A 32 -1.32 13.58 14.68
CA GLU A 32 -0.58 12.77 15.63
C GLU A 32 -1.29 12.72 16.98
N LEU A 33 -1.19 11.59 17.66
CA LEU A 33 -1.83 11.41 18.96
C LEU A 33 -0.85 10.78 19.96
N GLY A 1 8.10 7.34 -16.14
CA GLY A 1 8.69 6.47 -15.14
C GLY A 1 9.35 7.26 -14.02
N SER A 2 8.77 7.18 -12.83
CA SER A 2 9.31 7.89 -11.67
C SER A 2 9.51 6.94 -10.49
N GLY A 3 10.10 7.45 -9.42
CA GLY A 3 10.34 6.64 -8.24
C GLY A 3 9.24 6.76 -7.21
N VAL A 4 8.46 5.70 -7.05
CA VAL A 4 7.36 5.68 -6.10
C VAL A 4 7.85 5.29 -4.71
N ILE A 5 7.61 6.15 -3.73
CA ILE A 5 8.02 5.90 -2.36
C ILE A 5 6.83 5.97 -1.40
N ASN A 6 5.68 5.52 -1.88
CA ASN A 6 4.46 5.53 -1.07
C ASN A 6 4.10 6.95 -0.65
N TYR A 7 4.33 7.90 -1.54
CA TYR A 7 4.03 9.30 -1.25
C TYR A 7 2.54 9.51 -1.08
N SER A 8 1.74 8.96 -1.99
CA SER A 8 0.30 9.09 -1.94
C SER A 8 -0.38 7.75 -2.21
N VAL A 9 -1.71 7.74 -2.18
CA VAL A 9 -2.48 6.52 -2.41
C VAL A 9 -2.92 6.43 -3.87
N LEU A 10 -3.02 5.21 -4.37
CA LEU A 10 -3.44 4.97 -5.75
C LEU A 10 -4.73 4.18 -5.80
N ASP A 11 -5.67 4.52 -4.92
CA ASP A 11 -6.96 3.85 -4.87
C ASP A 11 -6.77 2.35 -4.64
N LEU A 12 -5.99 2.01 -3.63
CA LEU A 12 -5.73 0.61 -3.30
C LEU A 12 -7.03 -0.12 -2.96
N THR A 13 -7.14 -1.37 -3.38
CA THR A 13 -8.33 -2.18 -3.12
C THR A 13 -8.55 -2.35 -1.63
N ALA A 14 -9.80 -2.57 -1.24
CA ALA A 14 -10.15 -2.76 0.17
C ALA A 14 -9.38 -3.93 0.77
N GLU A 15 -9.22 -4.99 -0.03
CA GLU A 15 -8.50 -6.18 0.43
C GLU A 15 -7.03 -5.86 0.70
N GLU A 16 -6.45 -5.00 -0.13
CA GLU A 16 -5.05 -4.62 0.03
C GLU A 16 -4.85 -3.80 1.30
N LEU A 17 -5.78 -2.90 1.57
CA LEU A 17 -5.71 -2.06 2.77
C LEU A 17 -5.66 -2.91 4.02
N GLU A 18 -6.46 -3.97 4.06
CA GLU A 18 -6.50 -4.86 5.22
C GLU A 18 -5.14 -5.52 5.44
N ALA A 19 -4.46 -5.85 4.34
CA ALA A 19 -3.15 -6.48 4.42
C ALA A 19 -2.13 -5.55 5.06
N ILE A 20 -2.15 -4.28 4.67
CA ILE A 20 -1.22 -3.29 5.20
C ILE A 20 -1.59 -2.92 6.63
N LYS A 21 -2.89 -2.81 6.90
CA LYS A 21 -3.37 -2.46 8.23
C LYS A 21 -2.99 -3.54 9.25
N HIS A 22 -3.11 -4.80 8.85
CA HIS A 22 -2.78 -5.91 9.72
C HIS A 22 -1.27 -6.01 9.92
N GLN A 23 -0.52 -5.62 8.89
CA GLN A 23 0.94 -5.68 8.96
C GLN A 23 1.46 -4.88 10.16
N LEU A 24 2.68 -5.19 10.59
CA LEU A 24 3.29 -4.50 11.71
C LEU A 24 4.15 -3.34 11.25
N ASN A 25 3.75 -2.13 11.61
CA ASN A 25 4.48 -0.93 11.22
C ASN A 25 5.04 -0.22 12.45
N PRO A 26 6.05 0.64 12.23
CA PRO A 26 6.70 1.40 13.30
C PRO A 26 5.79 2.47 13.88
N LYS A 27 6.17 3.00 15.04
CA LYS A 27 5.38 4.04 15.71
C LYS A 27 4.00 3.51 16.08
N ASP A 28 3.96 2.28 16.58
CA ASP A 28 2.69 1.67 16.99
C ASP A 28 2.53 1.71 18.51
N ASN A 29 2.28 2.91 19.03
CA ASN A 29 2.10 3.08 20.47
C ASN A 29 0.62 3.22 20.83
N ASP A 30 -0.16 3.74 19.89
CA ASP A 30 -1.59 3.92 20.10
C ASP A 30 -2.39 3.34 18.94
N VAL A 31 -2.84 2.10 19.09
CA VAL A 31 -3.62 1.43 18.06
C VAL A 31 -5.03 1.98 18.00
N GLU A 32 -5.55 2.14 16.78
CA GLU A 32 -6.90 2.66 16.59
C GLU A 32 -7.93 1.53 16.63
N LEU A 33 -9.16 1.88 16.96
CA LEU A 33 -10.24 0.89 17.03
C LEU A 33 -11.30 1.17 15.98
N GLY A 1 5.68 2.80 -15.62
CA GLY A 1 6.65 2.01 -14.88
C GLY A 1 8.00 2.70 -14.79
N SER A 2 8.44 3.28 -15.89
CA SER A 2 9.73 3.97 -15.94
C SER A 2 9.58 5.43 -15.53
N GLY A 3 10.31 5.82 -14.48
CA GLY A 3 10.25 7.19 -14.01
C GLY A 3 9.12 7.40 -13.01
N VAL A 4 9.49 7.90 -11.83
CA VAL A 4 8.49 8.15 -10.79
C VAL A 4 8.85 9.41 -9.99
N ILE A 5 7.93 10.37 -10.00
CA ILE A 5 8.14 11.62 -9.28
C ILE A 5 7.31 11.68 -8.01
N ASN A 6 5.99 11.79 -8.17
CA ASN A 6 5.08 11.86 -7.04
C ASN A 6 4.14 10.66 -7.03
N TYR A 7 3.92 10.09 -5.85
CA TYR A 7 3.04 8.94 -5.71
C TYR A 7 1.78 9.30 -4.92
N SER A 8 1.22 10.47 -5.23
CA SER A 8 0.02 10.94 -4.55
C SER A 8 -1.22 10.29 -5.14
N VAL A 9 -1.29 8.97 -5.08
CA VAL A 9 -2.43 8.22 -5.61
C VAL A 9 -3.14 7.45 -4.52
N LEU A 10 -4.47 7.47 -4.54
CA LEU A 10 -5.27 6.75 -3.56
C LEU A 10 -6.21 5.76 -4.23
N ASP A 11 -5.63 4.84 -4.99
CA ASP A 11 -6.42 3.82 -5.70
C ASP A 11 -6.10 2.43 -5.16
N LEU A 12 -6.14 2.29 -3.84
CA LEU A 12 -5.86 1.00 -3.21
C LEU A 12 -7.13 0.19 -3.01
N THR A 13 -7.04 -1.11 -3.23
CA THR A 13 -8.19 -1.99 -3.07
C THR A 13 -8.43 -2.32 -1.60
N ALA A 14 -9.68 -2.62 -1.26
CA ALA A 14 -10.05 -2.96 0.10
C ALA A 14 -9.20 -4.11 0.63
N GLU A 15 -8.92 -5.07 -0.24
CA GLU A 15 -8.12 -6.23 0.13
C GLU A 15 -6.70 -5.81 0.51
N GLU A 16 -6.17 -4.83 -0.21
CA GLU A 16 -4.82 -4.34 0.05
C GLU A 16 -4.75 -3.59 1.38
N LEU A 17 -5.73 -2.72 1.60
CA LEU A 17 -5.80 -1.94 2.84
C LEU A 17 -5.81 -2.85 4.06
N GLU A 18 -6.50 -3.98 3.95
CA GLU A 18 -6.58 -4.94 5.05
C GLU A 18 -5.22 -5.58 5.33
N ALA A 19 -4.46 -5.81 4.27
CA ALA A 19 -3.14 -6.41 4.39
C ALA A 19 -2.16 -5.45 5.06
N ILE A 20 -2.25 -4.17 4.70
CA ILE A 20 -1.38 -3.16 5.26
C ILE A 20 -1.68 -2.93 6.74
N LYS A 21 -2.96 -2.88 7.08
CA LYS A 21 -3.39 -2.67 8.45
C LYS A 21 -2.91 -3.81 9.35
N HIS A 22 -2.91 -5.03 8.80
CA HIS A 22 -2.48 -6.20 9.56
C HIS A 22 -0.96 -6.20 9.71
N GLN A 23 -0.26 -5.66 8.71
CA GLN A 23 1.20 -5.62 8.74
C GLN A 23 1.68 -4.41 9.53
N LEU A 24 2.50 -4.66 10.55
CA LEU A 24 3.04 -3.59 11.39
C LEU A 24 3.82 -2.59 10.55
N ASN A 25 3.97 -1.38 11.07
CA ASN A 25 4.70 -0.32 10.37
C ASN A 25 5.65 0.40 11.33
N PRO A 26 6.66 1.07 10.75
CA PRO A 26 7.65 1.82 11.53
C PRO A 26 7.06 3.06 12.19
N LYS A 27 6.55 2.89 13.41
CA LYS A 27 5.96 3.99 14.15
C LYS A 27 7.03 4.81 14.84
N ASP A 28 7.50 5.85 14.16
CA ASP A 28 8.53 6.73 14.72
C ASP A 28 7.97 7.57 15.85
N ASN A 29 7.94 7.00 17.05
CA ASN A 29 7.43 7.70 18.23
C ASN A 29 8.37 8.83 18.64
N ASP A 30 9.65 8.67 18.35
CA ASP A 30 10.65 9.67 18.68
C ASP A 30 10.27 11.03 18.10
N VAL A 31 9.91 11.96 18.98
CA VAL A 31 9.51 13.30 18.55
C VAL A 31 10.47 14.35 19.12
N GLU A 32 10.35 15.58 18.62
CA GLU A 32 11.19 16.68 19.07
C GLU A 32 10.79 17.13 20.47
N LEU A 33 11.55 16.69 21.48
CA LEU A 33 11.28 17.05 22.86
C LEU A 33 11.95 18.36 23.23
N GLY A 1 6.21 3.52 -22.55
CA GLY A 1 6.65 2.59 -21.53
C GLY A 1 5.55 2.27 -20.53
N SER A 2 4.38 1.93 -21.03
CA SER A 2 3.24 1.61 -20.18
C SER A 2 2.38 0.51 -20.80
N GLY A 3 1.55 -0.12 -19.98
CA GLY A 3 0.68 -1.18 -20.47
C GLY A 3 -0.41 -1.54 -19.48
N VAL A 4 -0.04 -1.66 -18.21
CA VAL A 4 -1.00 -2.00 -17.16
C VAL A 4 -0.86 -1.07 -15.97
N ILE A 5 -0.58 0.20 -16.24
CA ILE A 5 -0.42 1.19 -15.19
C ILE A 5 -1.73 1.39 -14.42
N ASN A 6 -1.73 1.00 -13.15
CA ASN A 6 -2.91 1.13 -12.30
C ASN A 6 -3.02 2.55 -11.74
N TYR A 7 -3.69 3.43 -12.48
CA TYR A 7 -3.87 4.81 -12.05
C TYR A 7 -4.92 4.91 -10.96
N SER A 8 -4.59 5.62 -9.88
CA SER A 8 -5.51 5.80 -8.77
C SER A 8 -5.13 7.00 -7.93
N VAL A 9 -6.07 7.47 -7.11
CA VAL A 9 -5.83 8.63 -6.26
C VAL A 9 -5.95 8.26 -4.77
N LEU A 10 -4.92 7.62 -4.24
CA LEU A 10 -4.92 7.21 -2.84
C LEU A 10 -6.16 6.38 -2.51
N ASP A 11 -6.54 5.52 -3.45
CA ASP A 11 -7.70 4.65 -3.26
C ASP A 11 -7.31 3.18 -3.38
N LEU A 12 -6.67 2.66 -2.33
CA LEU A 12 -6.24 1.28 -2.30
C LEU A 12 -7.43 0.34 -2.13
N THR A 13 -7.34 -0.86 -2.71
CA THR A 13 -8.41 -1.84 -2.61
C THR A 13 -8.67 -2.21 -1.14
N ALA A 14 -9.89 -2.67 -0.87
CA ALA A 14 -10.28 -3.07 0.47
C ALA A 14 -9.39 -4.21 0.99
N GLU A 15 -9.11 -5.17 0.11
CA GLU A 15 -8.28 -6.30 0.47
C GLU A 15 -6.84 -5.87 0.72
N GLU A 16 -6.36 -4.92 -0.08
CA GLU A 16 -5.01 -4.41 0.05
C GLU A 16 -4.85 -3.59 1.33
N LEU A 17 -5.81 -2.70 1.57
CA LEU A 17 -5.79 -1.85 2.75
C LEU A 17 -5.75 -2.69 4.03
N GLU A 18 -6.51 -3.77 4.04
CA GLU A 18 -6.55 -4.66 5.20
C GLU A 18 -5.21 -5.32 5.44
N ALA A 19 -4.55 -5.71 4.35
CA ALA A 19 -3.24 -6.36 4.43
C ALA A 19 -2.21 -5.42 5.06
N ILE A 20 -2.28 -4.15 4.70
CA ILE A 20 -1.35 -3.15 5.22
C ILE A 20 -1.58 -2.91 6.71
N LYS A 21 -2.85 -2.92 7.12
CA LYS A 21 -3.20 -2.71 8.51
C LYS A 21 -2.51 -3.73 9.41
N HIS A 22 -2.38 -4.95 8.92
CA HIS A 22 -1.72 -6.02 9.67
C HIS A 22 -0.22 -5.78 9.79
N GLN A 23 0.35 -5.14 8.77
CA GLN A 23 1.78 -4.84 8.76
C GLN A 23 2.05 -3.47 9.34
N LEU A 24 2.74 -3.43 10.47
CA LEU A 24 3.07 -2.17 11.13
C LEU A 24 4.19 -1.44 10.38
N ASN A 25 3.81 -0.42 9.62
CA ASN A 25 4.78 0.36 8.86
C ASN A 25 4.47 1.85 8.96
N PRO A 26 5.50 2.69 8.76
CA PRO A 26 5.35 4.15 8.82
C PRO A 26 4.56 4.71 7.64
N LYS A 27 3.83 5.79 7.89
CA LYS A 27 3.02 6.42 6.85
C LYS A 27 3.90 6.94 5.71
N ASP A 28 4.01 6.14 4.66
CA ASP A 28 4.82 6.52 3.49
C ASP A 28 3.93 6.98 2.35
N ASN A 29 4.33 8.09 1.71
CA ASN A 29 3.58 8.64 0.60
C ASN A 29 4.35 8.51 -0.71
N ASP A 30 5.68 8.51 -0.60
CA ASP A 30 6.53 8.39 -1.77
C ASP A 30 6.57 6.95 -2.28
N VAL A 31 5.55 6.56 -3.03
CA VAL A 31 5.47 5.21 -3.58
C VAL A 31 5.94 5.16 -5.02
N GLU A 32 6.10 3.95 -5.55
CA GLU A 32 6.55 3.77 -6.93
C GLU A 32 7.88 4.47 -7.15
N LEU A 33 8.75 4.42 -6.15
CA LEU A 33 10.07 5.04 -6.24
C LEU A 33 10.90 4.41 -7.35
N GLY A 1 -5.33 -9.13 -24.08
CA GLY A 1 -6.32 -8.13 -23.69
C GLY A 1 -5.73 -6.74 -23.61
N SER A 2 -6.57 -5.74 -23.87
CA SER A 2 -6.12 -4.34 -23.83
C SER A 2 -5.60 -3.98 -22.45
N GLY A 3 -4.29 -3.81 -22.34
CA GLY A 3 -3.68 -3.46 -21.07
C GLY A 3 -2.19 -3.20 -21.20
N VAL A 4 -1.82 -2.32 -22.13
CA VAL A 4 -0.41 -1.99 -22.34
C VAL A 4 0.20 -1.39 -21.09
N ILE A 5 -0.61 -0.65 -20.32
CA ILE A 5 -0.14 -0.03 -19.09
C ILE A 5 0.41 -1.06 -18.13
N ASN A 6 1.39 -0.65 -17.33
CA ASN A 6 2.00 -1.55 -16.35
C ASN A 6 1.35 -1.37 -14.98
N TYR A 7 1.90 -2.07 -13.98
CA TYR A 7 1.37 -1.99 -12.62
C TYR A 7 1.28 -0.54 -12.16
N SER A 8 0.38 -0.29 -11.22
CA SER A 8 0.19 1.06 -10.68
C SER A 8 -0.60 1.02 -9.38
N VAL A 9 -0.32 1.97 -8.49
CA VAL A 9 -1.00 2.05 -7.21
C VAL A 9 -2.01 3.19 -7.18
N LEU A 10 -2.78 3.31 -8.26
CA LEU A 10 -3.79 4.36 -8.37
C LEU A 10 -4.71 4.36 -7.16
N ASP A 11 -5.16 3.17 -6.77
CA ASP A 11 -6.04 3.03 -5.61
C ASP A 11 -6.17 1.57 -5.20
N LEU A 12 -5.51 1.21 -4.10
CA LEU A 12 -5.55 -0.16 -3.60
C LEU A 12 -6.96 -0.56 -3.20
N THR A 13 -7.27 -1.85 -3.32
CA THR A 13 -8.59 -2.36 -2.97
C THR A 13 -8.72 -2.55 -1.47
N ALA A 14 -9.95 -2.79 -1.01
CA ALA A 14 -10.21 -2.99 0.40
C ALA A 14 -9.36 -4.11 0.97
N GLU A 15 -9.25 -5.20 0.22
CA GLU A 15 -8.46 -6.35 0.65
C GLU A 15 -6.98 -5.98 0.77
N GLU A 16 -6.50 -5.18 -0.19
CA GLU A 16 -5.11 -4.75 -0.19
C GLU A 16 -4.82 -3.81 0.99
N LEU A 17 -5.75 -2.89 1.25
CA LEU A 17 -5.59 -1.95 2.35
C LEU A 17 -5.62 -2.67 3.69
N GLU A 18 -6.46 -3.69 3.79
CA GLU A 18 -6.58 -4.46 5.02
C GLU A 18 -5.26 -5.15 5.37
N ALA A 19 -4.55 -5.61 4.35
CA ALA A 19 -3.27 -6.28 4.53
C ALA A 19 -2.27 -5.37 5.22
N ILE A 20 -2.23 -4.11 4.79
CA ILE A 20 -1.30 -3.14 5.36
C ILE A 20 -1.57 -2.95 6.85
N LYS A 21 -2.84 -2.89 7.22
CA LYS A 21 -3.22 -2.73 8.62
C LYS A 21 -2.75 -3.90 9.47
N HIS A 22 -2.81 -5.10 8.89
CA HIS A 22 -2.38 -6.31 9.59
C HIS A 22 -0.88 -6.30 9.82
N GLN A 23 -0.14 -5.69 8.89
CA GLN A 23 1.31 -5.61 9.00
C GLN A 23 1.74 -4.35 9.74
N LEU A 24 2.39 -4.55 10.89
CA LEU A 24 2.85 -3.43 11.71
C LEU A 24 4.36 -3.45 11.86
N ASN A 25 4.90 -2.42 12.50
CA ASN A 25 6.35 -2.33 12.71
C ASN A 25 7.10 -2.42 11.39
N PRO A 26 7.03 -1.35 10.59
CA PRO A 26 7.69 -1.28 9.29
C PRO A 26 9.20 -1.21 9.41
N LYS A 27 9.89 -1.23 8.27
CA LYS A 27 11.35 -1.15 8.26
C LYS A 27 11.83 0.05 7.45
N ASP A 28 11.76 1.22 8.05
CA ASP A 28 12.19 2.46 7.39
C ASP A 28 12.54 3.53 8.42
N ASN A 29 13.41 4.45 8.02
CA ASN A 29 13.82 5.53 8.91
C ASN A 29 12.70 6.54 9.10
N ASP A 30 11.84 6.66 8.09
CA ASP A 30 10.72 7.59 8.16
C ASP A 30 9.39 6.83 8.20
N VAL A 31 9.06 6.30 9.38
CA VAL A 31 7.82 5.55 9.55
C VAL A 31 6.60 6.42 9.23
N GLU A 32 5.44 5.79 9.15
CA GLU A 32 4.20 6.50 8.86
C GLU A 32 3.16 6.28 9.95
N LEU A 33 2.03 6.96 9.84
CA LEU A 33 0.96 6.84 10.82
C LEU A 33 -0.03 5.76 10.42
N GLY A 1 18.71 14.65 0.99
CA GLY A 1 18.01 15.61 1.82
C GLY A 1 16.92 16.34 1.08
N SER A 2 17.28 16.98 -0.03
CA SER A 2 16.31 17.72 -0.83
C SER A 2 15.24 16.78 -1.39
N GLY A 3 14.35 17.34 -2.22
CA GLY A 3 13.29 16.54 -2.80
C GLY A 3 12.47 17.33 -3.80
N VAL A 4 11.27 16.82 -4.11
CA VAL A 4 10.39 17.48 -5.05
C VAL A 4 8.92 17.09 -4.80
N ILE A 5 8.04 18.08 -4.87
CA ILE A 5 6.62 17.84 -4.65
C ILE A 5 6.02 17.02 -5.79
N ASN A 6 5.21 16.03 -5.44
CA ASN A 6 4.56 15.17 -6.42
C ASN A 6 3.38 14.44 -5.82
N TYR A 7 2.37 14.16 -6.65
CA TYR A 7 1.18 13.47 -6.19
C TYR A 7 1.00 12.14 -6.93
N SER A 8 1.08 11.04 -6.19
CA SER A 8 0.94 9.72 -6.77
C SER A 8 0.00 8.86 -5.93
N VAL A 9 -1.30 9.07 -6.10
CA VAL A 9 -2.31 8.33 -5.38
C VAL A 9 -2.19 6.83 -5.65
N LEU A 10 -2.59 6.03 -4.67
CA LEU A 10 -2.52 4.57 -4.81
C LEU A 10 -3.89 4.00 -5.20
N ASP A 11 -4.92 4.37 -4.46
CA ASP A 11 -6.27 3.91 -4.74
C ASP A 11 -6.34 2.38 -4.64
N LEU A 12 -5.88 1.84 -3.51
CA LEU A 12 -5.90 0.40 -3.29
C LEU A 12 -7.27 -0.06 -2.81
N THR A 13 -7.62 -1.30 -3.12
CA THR A 13 -8.89 -1.87 -2.71
C THR A 13 -8.89 -2.23 -1.23
N ALA A 14 -10.08 -2.39 -0.66
CA ALA A 14 -10.22 -2.74 0.75
C ALA A 14 -9.41 -3.99 1.08
N GLU A 15 -9.37 -4.93 0.14
CA GLU A 15 -8.63 -6.17 0.34
C GLU A 15 -7.14 -5.91 0.50
N GLU A 16 -6.63 -4.92 -0.24
CA GLU A 16 -5.22 -4.57 -0.17
C GLU A 16 -4.91 -3.81 1.12
N LEU A 17 -5.78 -2.87 1.47
CA LEU A 17 -5.60 -2.07 2.68
C LEU A 17 -5.48 -2.97 3.91
N GLU A 18 -6.24 -4.06 3.91
CA GLU A 18 -6.22 -5.00 5.03
C GLU A 18 -4.82 -5.55 5.25
N ALA A 19 -4.10 -5.77 4.15
CA ALA A 19 -2.74 -6.30 4.22
C ALA A 19 -1.83 -5.37 5.00
N ILE A 20 -1.94 -4.07 4.75
CA ILE A 20 -1.13 -3.08 5.44
C ILE A 20 -1.66 -2.82 6.84
N LYS A 21 -2.98 -2.83 6.98
CA LYS A 21 -3.61 -2.60 8.28
C LYS A 21 -3.21 -3.67 9.28
N HIS A 22 -3.19 -4.92 8.83
CA HIS A 22 -2.83 -6.04 9.69
C HIS A 22 -1.34 -6.01 10.02
N GLN A 23 -0.54 -5.51 9.08
CA GLN A 23 0.90 -5.42 9.27
C GLN A 23 1.27 -4.28 10.21
N LEU A 24 1.23 -4.54 11.51
CA LEU A 24 1.55 -3.53 12.51
C LEU A 24 2.70 -3.99 13.40
N ASN A 25 3.93 -3.89 12.87
CA ASN A 25 5.11 -4.30 13.62
C ASN A 25 6.02 -3.10 13.89
N PRO A 26 5.58 -2.22 14.80
CA PRO A 26 6.34 -1.01 15.17
C PRO A 26 7.61 -1.35 15.95
N LYS A 27 7.57 -2.44 16.70
CA LYS A 27 8.71 -2.87 17.50
C LYS A 27 9.55 -3.88 16.73
N ASP A 28 10.47 -3.39 15.91
CA ASP A 28 11.35 -4.24 15.12
C ASP A 28 12.80 -3.98 15.45
N ASN A 29 13.41 -4.90 16.21
CA ASN A 29 14.81 -4.75 16.59
C ASN A 29 15.72 -5.46 15.59
N ASP A 30 15.20 -6.51 14.96
CA ASP A 30 15.97 -7.27 13.99
C ASP A 30 17.24 -7.84 14.61
N VAL A 31 17.10 -8.44 15.79
CA VAL A 31 18.23 -9.03 16.50
C VAL A 31 18.49 -10.46 16.02
N GLU A 32 19.71 -10.70 15.53
CA GLU A 32 20.08 -12.03 15.06
C GLU A 32 20.74 -12.84 16.16
N LEU A 33 21.70 -12.22 16.84
CA LEU A 33 22.42 -12.88 17.93
C LEU A 33 21.55 -12.97 19.19
N GLY A 1 -17.07 14.30 -29.62
CA GLY A 1 -16.70 15.63 -29.16
C GLY A 1 -16.36 15.66 -27.68
N SER A 2 -17.15 14.94 -26.88
CA SER A 2 -16.94 14.90 -25.44
C SER A 2 -16.48 13.51 -25.00
N GLY A 3 -15.79 13.46 -23.87
CA GLY A 3 -15.30 12.19 -23.35
C GLY A 3 -15.42 12.09 -21.85
N VAL A 4 -15.33 10.86 -21.33
CA VAL A 4 -15.43 10.63 -19.89
C VAL A 4 -14.09 10.19 -19.32
N ILE A 5 -13.68 10.84 -18.23
CA ILE A 5 -12.42 10.51 -17.58
C ILE A 5 -12.65 10.02 -16.15
N ASN A 6 -11.90 9.00 -15.76
CA ASN A 6 -12.01 8.43 -14.42
C ASN A 6 -11.40 9.35 -13.38
N TYR A 7 -12.15 9.61 -12.31
CA TYR A 7 -11.68 10.49 -11.24
C TYR A 7 -11.38 9.69 -9.98
N SER A 8 -10.62 8.60 -10.13
CA SER A 8 -10.25 7.76 -9.01
C SER A 8 -8.75 7.54 -8.97
N VAL A 9 -8.14 7.94 -7.85
CA VAL A 9 -6.70 7.79 -7.67
C VAL A 9 -6.37 7.26 -6.28
N LEU A 10 -5.35 6.41 -6.20
CA LEU A 10 -4.94 5.84 -4.93
C LEU A 10 -6.11 5.15 -4.23
N ASP A 11 -6.95 4.47 -5.01
CA ASP A 11 -8.10 3.78 -4.46
C ASP A 11 -7.92 2.27 -4.56
N LEU A 12 -7.10 1.71 -3.69
CA LEU A 12 -6.85 0.27 -3.69
C LEU A 12 -8.02 -0.49 -3.05
N THR A 13 -8.16 -1.76 -3.42
CA THR A 13 -9.23 -2.59 -2.88
C THR A 13 -9.13 -2.71 -1.37
N ALA A 14 -10.25 -3.06 -0.73
CA ALA A 14 -10.29 -3.21 0.71
C ALA A 14 -9.27 -4.24 1.19
N GLU A 15 -9.16 -5.33 0.45
CA GLU A 15 -8.22 -6.39 0.80
C GLU A 15 -6.78 -5.87 0.80
N GLU A 16 -6.47 -5.00 -0.16
CA GLU A 16 -5.14 -4.42 -0.28
C GLU A 16 -4.80 -3.58 0.95
N LEU A 17 -5.77 -2.79 1.40
CA LEU A 17 -5.59 -1.93 2.57
C LEU A 17 -5.59 -2.75 3.85
N GLU A 18 -6.42 -3.78 3.89
CA GLU A 18 -6.51 -4.65 5.06
C GLU A 18 -5.17 -5.29 5.37
N ALA A 19 -4.45 -5.69 4.32
CA ALA A 19 -3.15 -6.32 4.47
C ALA A 19 -2.17 -5.38 5.17
N ILE A 20 -2.24 -4.10 4.84
CA ILE A 20 -1.36 -3.10 5.42
C ILE A 20 -1.59 -2.98 6.92
N LYS A 21 -2.86 -2.96 7.32
CA LYS A 21 -3.23 -2.84 8.72
C LYS A 21 -2.84 -4.10 9.49
N HIS A 22 -3.04 -5.26 8.86
CA HIS A 22 -2.70 -6.53 9.49
C HIS A 22 -1.21 -6.63 9.77
N GLN A 23 -0.42 -5.99 8.91
CA GLN A 23 1.03 -6.01 9.07
C GLN A 23 1.52 -4.73 9.74
N LEU A 24 2.84 -4.57 9.82
CA LEU A 24 3.44 -3.40 10.44
C LEU A 24 3.95 -2.43 9.38
N ASN A 25 4.70 -2.95 8.42
CA ASN A 25 5.25 -2.13 7.34
C ASN A 25 6.02 -0.95 7.90
N PRO A 26 7.17 -1.23 8.52
CA PRO A 26 8.03 -0.20 9.11
C PRO A 26 8.70 0.68 8.05
N LYS A 27 8.95 0.10 6.88
CA LYS A 27 9.58 0.83 5.78
C LYS A 27 8.54 1.22 4.72
N ASP A 28 8.58 2.47 4.31
CA ASP A 28 7.65 2.97 3.29
C ASP A 28 8.40 3.65 2.16
N ASN A 29 7.94 3.42 0.93
CA ASN A 29 8.57 4.02 -0.24
C ASN A 29 7.64 5.03 -0.90
N ASP A 30 6.34 4.81 -0.76
CA ASP A 30 5.34 5.70 -1.34
C ASP A 30 5.56 5.85 -2.85
N VAL A 31 5.83 4.73 -3.51
CA VAL A 31 6.05 4.73 -4.95
C VAL A 31 4.77 5.03 -5.71
N GLU A 32 4.79 6.09 -6.52
CA GLU A 32 3.63 6.49 -7.29
C GLU A 32 3.88 6.29 -8.79
N LEU A 33 5.03 6.77 -9.25
CA LEU A 33 5.39 6.64 -10.66
C LEU A 33 5.93 5.25 -10.97
#